data_5DS8
#
_entry.id   5DS8
#
_cell.length_a   106.005
_cell.length_b   294.085
_cell.length_c   68.737
_cell.angle_alpha   90.000
_cell.angle_beta   90.000
_cell.angle_gamma   90.000
#
_symmetry.space_group_name_H-M   'C 2 2 2'
#
loop_
_entity.id
_entity.type
_entity.pdbx_description
1 polymer 'Fab Hpu98 Heavy Chain'
2 polymer 'Fab Hou98 Light Chain'
3 polymer 'Tetrapeptide GLY-HPU-GLY-ALA'
4 non-polymer 1,2-ETHANEDIOL
5 non-polymer 'SULFATE ION'
6 water water
#
loop_
_entity_poly.entity_id
_entity_poly.type
_entity_poly.pdbx_seq_one_letter_code
_entity_poly.pdbx_strand_id
1 'polypeptide(L)'
;(PCA)SVEESGGRLVTPGTPLTLTCTVSGFSLSTYTMNWVRQAPGKGLEWIGDIYTDGNTYYANWAKGRFTISKTSTTVD
LKITSPTTEDTATYFCARDSWDASSYYGLDLWGQGTLVTVSSGQPKGPSVFPLAPCCGDTPSSTVTLGCLVKGYLPEPVT
VTWNSGTLTNGVRTFPSVRQSSGLYSLSSVVSVTSSSQPVTCNVAHPATNTKVDKTVAPSTCSKPT
;
A,H
2 'polypeptide(L)'
;AIKMTQTPSSVSAAVGGTVTINCQASEDIKRYLAWYQQKPGQPPKLLIYAASKLASGVSSRFKGSGSGTEYTLTISGVQC
DDAATYYCQQGYTSSNVNNAFGGGTEVVVKGDPVAPTVLIFPPAADQVATGTVTIVCVANKYFPDVTVTWEVDGTTQTTG
IENSKTPQNSADCTYNLSSTLTLTSTQYNSHKEYTCKVTQGTTSVVQSFNRGDC
;
B,L
3 'polypeptide(L)' G(5CT)GA P
#
loop_
_chem_comp.id
_chem_comp.type
_chem_comp.name
_chem_comp.formula
EDO non-polymer 1,2-ETHANEDIOL 'C2 H6 O2'
SO4 non-polymer 'SULFATE ION' 'O4 S -2'
#
# COMPACT_ATOMS: atom_id res chain seq x y z
N PCA A 1 6.85 -13.22 -20.84
CA PCA A 1 5.86 -12.45 -20.12
CB PCA A 1 5.52 -13.11 -18.79
CG PCA A 1 6.69 -14.02 -18.48
CD PCA A 1 7.36 -14.14 -19.82
OE PCA A 1 8.26 -14.96 -20.02
C PCA A 1 6.51 -11.11 -19.80
O PCA A 1 7.75 -11.01 -19.69
N SER A 2 5.68 -10.07 -19.68
CA SER A 2 6.21 -8.74 -19.52
C SER A 2 5.18 -7.85 -18.88
N VAL A 3 5.68 -6.78 -18.28
CA VAL A 3 4.90 -5.79 -17.62
C VAL A 3 5.39 -4.42 -18.10
N GLU A 4 4.48 -3.51 -18.33
CA GLU A 4 4.89 -2.18 -18.76
C GLU A 4 4.02 -1.07 -18.16
N GLU A 5 4.63 -0.07 -17.52
CA GLU A 5 3.87 1.02 -16.88
C GLU A 5 3.78 2.22 -17.79
N SER A 6 2.70 2.97 -17.69
CA SER A 6 2.61 4.24 -18.38
C SER A 6 1.76 5.19 -17.57
N GLY A 7 1.75 6.46 -17.98
CA GLY A 7 0.87 7.48 -17.43
C GLY A 7 1.59 8.53 -16.55
N GLY A 8 2.84 8.26 -16.19
CA GLY A 8 3.60 9.20 -15.37
C GLY A 8 3.83 10.49 -16.16
N ARG A 9 3.80 11.63 -15.47
CA ARG A 9 3.91 12.92 -16.11
C ARG A 9 4.07 13.98 -15.04
N LEU A 10 4.32 15.21 -15.46
CA LEU A 10 4.39 16.30 -14.45
C LEU A 10 2.96 16.74 -14.16
N VAL A 11 2.57 16.88 -12.89
CA VAL A 11 1.21 17.20 -12.53
C VAL A 11 1.23 18.15 -11.29
N THR A 12 0.25 19.04 -11.19
CA THR A 12 0.19 19.97 -10.06
C THR A 12 -0.40 19.24 -8.86
N PRO A 13 -0.02 19.65 -7.66
CA PRO A 13 -0.56 19.00 -6.44
C PRO A 13 -2.09 19.04 -6.44
N GLY A 14 -2.70 17.94 -6.05
CA GLY A 14 -4.14 17.95 -5.93
C GLY A 14 -4.84 17.45 -7.19
N THR A 15 -4.11 17.28 -8.28
CA THR A 15 -4.67 16.85 -9.56
C THR A 15 -4.61 15.30 -9.68
N PRO A 16 -5.77 14.62 -9.70
CA PRO A 16 -5.78 13.15 -9.66
C PRO A 16 -5.06 12.59 -10.86
N LEU A 17 -4.28 11.54 -10.65
CA LEU A 17 -3.45 11.00 -11.69
C LEU A 17 -3.63 9.50 -11.70
N THR A 18 -3.95 8.92 -12.87
CA THR A 18 -4.01 7.46 -12.98
C THR A 18 -2.85 6.84 -13.77
N LEU A 19 -2.15 5.90 -13.13
CA LEU A 19 -1.10 5.14 -13.80
C LEU A 19 -1.66 3.79 -14.28
N THR A 20 -1.10 3.26 -15.35
CA THR A 20 -1.56 1.96 -15.91
C THR A 20 -0.39 1.04 -16.02
N CYS A 21 -0.63 -0.21 -15.64
CA CYS A 21 0.30 -1.29 -15.87
C CYS A 21 -0.33 -2.32 -16.79
N THR A 22 0.27 -2.54 -17.98
CA THR A 22 -0.28 -3.48 -18.96
C THR A 22 0.56 -4.75 -18.90
N VAL A 23 -0.10 -5.89 -18.76
CA VAL A 23 0.64 -7.13 -18.61
C VAL A 23 0.49 -7.99 -19.89
N SER A 24 1.50 -8.82 -20.19
CA SER A 24 1.44 -9.73 -21.34
C SER A 24 2.00 -11.08 -20.96
N GLY A 25 1.40 -12.17 -21.45
CA GLY A 25 2.00 -13.48 -21.25
C GLY A 25 1.71 -14.18 -19.94
N PHE A 26 0.86 -13.60 -19.10
CA PHE A 26 0.40 -14.31 -17.89
C PHE A 26 -0.96 -13.83 -17.48
N SER A 27 -1.61 -14.62 -16.63
CA SER A 27 -2.93 -14.30 -16.15
C SER A 27 -2.94 -13.62 -14.77
N LEU A 28 -3.80 -12.63 -14.61
CA LEU A 28 -4.02 -12.02 -13.29
C LEU A 28 -4.96 -12.83 -12.41
N SER A 29 -5.39 -13.99 -12.90
CA SER A 29 -6.13 -14.95 -12.05
C SER A 29 -5.13 -15.93 -11.43
N THR A 30 -3.87 -15.82 -11.86
CA THR A 30 -2.75 -16.56 -11.27
C THR A 30 -1.76 -15.72 -10.48
N TYR A 31 -1.39 -14.55 -11.02
CA TYR A 31 -0.47 -13.65 -10.35
C TYR A 31 -1.13 -12.48 -9.66
N THR A 32 -0.63 -12.14 -8.48
CA THR A 32 -0.98 -10.92 -7.76
C THR A 32 -0.09 -9.75 -8.22
N MET A 33 -0.66 -8.56 -8.37
CA MET A 33 0.11 -7.43 -8.87
C MET A 33 0.31 -6.39 -7.77
N ASN A 34 1.50 -5.78 -7.75
CA ASN A 34 1.91 -4.85 -6.68
C ASN A 34 2.38 -3.55 -7.29
N TRP A 35 2.04 -2.42 -6.66
CA TRP A 35 2.68 -1.16 -7.03
C TRP A 35 3.71 -0.80 -6.00
N VAL A 36 4.89 -0.41 -6.49
CA VAL A 36 6.02 -0.04 -5.65
C VAL A 36 6.62 1.28 -6.23
N ARG A 37 6.91 2.25 -5.37
CA ARG A 37 7.55 3.47 -5.84
C ARG A 37 8.92 3.67 -5.28
N GLN A 38 9.66 4.60 -5.89
CA GLN A 38 10.97 4.91 -5.38
C GLN A 38 11.33 6.34 -5.72
N ALA A 39 11.45 7.15 -4.69
CA ALA A 39 11.80 8.53 -4.93
C ALA A 39 13.29 8.62 -5.35
N PRO A 40 13.65 9.66 -6.09
CA PRO A 40 15.05 9.83 -6.51
C PRO A 40 16.07 9.65 -5.35
N GLY A 41 16.98 8.70 -5.48
CA GLY A 41 17.96 8.49 -4.44
C GLY A 41 17.53 7.70 -3.22
N LYS A 42 16.27 7.27 -3.16
CA LYS A 42 15.76 6.67 -1.94
C LYS A 42 15.45 5.17 -2.13
N GLY A 43 14.90 4.57 -1.08
CA GLY A 43 14.57 3.15 -1.07
C GLY A 43 13.27 2.77 -1.74
N LEU A 44 13.04 1.48 -1.91
CA LEU A 44 11.78 1.02 -2.47
C LEU A 44 10.62 1.15 -1.44
N GLU A 45 9.43 1.57 -1.90
CA GLU A 45 8.29 1.70 -0.97
C GLU A 45 7.07 1.00 -1.58
N TRP A 46 6.61 -0.03 -0.91
CA TRP A 46 5.45 -0.80 -1.39
C TRP A 46 4.19 0.03 -1.14
N ILE A 47 3.37 0.19 -2.16
CA ILE A 47 2.14 0.98 -2.04
C ILE A 47 0.93 0.13 -1.73
N GLY A 48 0.81 -0.98 -2.47
CA GLY A 48 -0.33 -1.85 -2.29
C GLY A 48 -0.34 -2.93 -3.35
N ASP A 49 -1.36 -3.78 -3.29
CA ASP A 49 -1.51 -4.83 -4.28
C ASP A 49 -2.97 -5.23 -4.57
N ILE A 50 -3.11 -6.03 -5.60
CA ILE A 50 -4.41 -6.60 -5.92
C ILE A 50 -4.25 -8.07 -6.21
N TYR A 51 -4.87 -8.89 -5.37
CA TYR A 51 -4.74 -10.31 -5.48
C TYR A 51 -5.56 -10.86 -6.65
N THR A 52 -5.26 -12.11 -7.02
CA THR A 52 -5.94 -12.77 -8.12
C THR A 52 -7.47 -12.72 -7.99
N ASP A 53 -7.97 -12.90 -6.76
CA ASP A 53 -9.40 -12.90 -6.49
C ASP A 53 -10.02 -11.48 -6.47
N GLY A 54 -9.17 -10.46 -6.50
CA GLY A 54 -9.63 -9.07 -6.50
C GLY A 54 -9.50 -8.30 -5.19
N ASN A 55 -9.16 -8.97 -4.09
CA ASN A 55 -8.93 -8.23 -2.84
C ASN A 55 -7.76 -7.21 -2.99
N THR A 56 -7.96 -5.97 -2.57
CA THR A 56 -6.90 -4.97 -2.67
C THR A 56 -6.45 -4.60 -1.28
N TYR A 57 -5.14 -4.36 -1.15
CA TYR A 57 -4.55 -3.98 0.12
C TYR A 57 -3.64 -2.79 -0.12
N TYR A 58 -3.56 -1.89 0.88
CA TYR A 58 -2.66 -0.74 0.80
C TYR A 58 -1.81 -0.66 2.06
N ALA A 59 -0.58 -0.19 1.90
CA ALA A 59 0.25 0.12 3.07
C ALA A 59 -0.54 1.05 3.95
N ASN A 60 -0.28 0.99 5.25
CA ASN A 60 -1.01 1.88 6.19
C ASN A 60 -0.93 3.38 5.81
N TRP A 61 0.25 3.86 5.39
CA TRP A 61 0.41 5.28 4.96
C TRP A 61 -0.38 5.61 3.66
N ALA A 62 -0.60 4.59 2.81
CA ALA A 62 -1.21 4.75 1.50
C ALA A 62 -2.76 4.69 1.54
N LYS A 63 -3.33 4.21 2.64
CA LYS A 63 -4.81 3.97 2.69
C LYS A 63 -5.56 5.29 2.48
N GLY A 64 -6.52 5.36 1.57
CA GLY A 64 -7.24 6.60 1.30
C GLY A 64 -6.48 7.57 0.39
N ARG A 65 -5.29 7.19 -0.05
CA ARG A 65 -4.48 8.11 -0.86
C ARG A 65 -4.25 7.56 -2.27
N PHE A 66 -4.54 6.26 -2.44
CA PHE A 66 -4.38 5.56 -3.71
C PHE A 66 -5.54 4.60 -3.89
N THR A 67 -5.93 4.34 -5.13
CA THR A 67 -6.87 3.25 -5.39
C THR A 67 -6.36 2.32 -6.49
N ILE A 68 -6.41 1.03 -6.24
CA ILE A 68 -5.91 0.07 -7.21
C ILE A 68 -7.04 -0.71 -7.79
N SER A 69 -7.02 -0.94 -9.10
CA SER A 69 -8.07 -1.78 -9.65
C SER A 69 -7.45 -2.53 -10.84
N LYS A 70 -8.18 -3.47 -11.45
CA LYS A 70 -7.63 -4.21 -12.59
C LYS A 70 -8.70 -4.67 -13.59
N THR A 71 -8.27 -4.88 -14.83
CA THR A 71 -9.08 -5.66 -15.81
C THR A 71 -8.34 -6.98 -16.02
N SER A 72 -8.61 -7.71 -17.10
CA SER A 72 -7.84 -8.93 -17.36
C SER A 72 -6.38 -8.71 -17.87
N THR A 73 -6.07 -7.55 -18.46
CA THR A 73 -4.73 -7.30 -18.96
C THR A 73 -4.05 -6.05 -18.37
N THR A 74 -4.73 -5.31 -17.50
CA THR A 74 -4.10 -4.10 -16.94
C THR A 74 -4.42 -3.96 -15.47
N VAL A 75 -3.58 -3.20 -14.77
CA VAL A 75 -3.78 -2.80 -13.40
C VAL A 75 -3.61 -1.31 -13.34
N ASP A 76 -4.56 -0.63 -12.70
CA ASP A 76 -4.41 0.82 -12.55
C ASP A 76 -3.99 1.20 -11.12
N LEU A 77 -3.28 2.31 -11.01
CA LEU A 77 -3.02 2.90 -9.71
C LEU A 77 -3.48 4.35 -9.85
N LYS A 78 -4.50 4.72 -9.09
CA LYS A 78 -4.92 6.10 -9.09
C LYS A 78 -4.41 6.81 -7.84
N ILE A 79 -3.76 7.98 -8.04
CA ILE A 79 -3.24 8.75 -6.93
C ILE A 79 -4.30 9.84 -6.74
N THR A 80 -5.02 9.74 -5.63
CA THR A 80 -6.22 10.55 -5.37
C THR A 80 -5.95 12.03 -5.32
N SER A 81 -4.93 12.42 -4.57
CA SER A 81 -4.63 13.85 -4.44
C SER A 81 -3.11 14.06 -4.31
N PRO A 82 -2.38 14.01 -5.46
CA PRO A 82 -0.90 14.09 -5.44
C PRO A 82 -0.33 15.25 -4.60
N THR A 83 0.74 14.97 -3.86
CA THR A 83 1.52 16.01 -3.19
C THR A 83 2.97 15.87 -3.66
N THR A 84 3.81 16.87 -3.34
CA THR A 84 5.18 16.87 -3.82
C THR A 84 5.92 15.68 -3.22
N GLU A 85 5.50 15.21 -2.04
CA GLU A 85 6.04 13.95 -1.48
C GLU A 85 5.79 12.68 -2.37
N ASP A 86 4.90 12.78 -3.35
CA ASP A 86 4.59 11.66 -4.24
C ASP A 86 5.47 11.58 -5.49
N THR A 87 6.39 12.54 -5.66
CA THR A 87 7.30 12.47 -6.79
C THR A 87 8.21 11.22 -6.69
N ALA A 88 8.18 10.38 -7.70
CA ALA A 88 8.90 9.10 -7.66
C ALA A 88 8.72 8.37 -8.96
N THR A 89 9.55 7.35 -9.21
CA THR A 89 9.27 6.37 -10.23
C THR A 89 8.38 5.33 -9.65
N TYR A 90 7.31 4.98 -10.39
CA TYR A 90 6.32 3.99 -9.90
C TYR A 90 6.50 2.73 -10.73
N PHE A 91 6.64 1.59 -10.04
CA PHE A 91 6.81 0.29 -10.68
C PHE A 91 5.59 -0.58 -10.44
N CYS A 92 5.22 -1.40 -11.45
CA CYS A 92 4.24 -2.49 -11.29
C CYS A 92 5.12 -3.75 -11.20
N ALA A 93 4.77 -4.71 -10.33
CA ALA A 93 5.52 -5.96 -10.27
C ALA A 93 4.65 -7.11 -9.85
N ARG A 94 4.90 -8.29 -10.42
CA ARG A 94 4.00 -9.40 -10.12
C ARG A 94 4.62 -10.30 -9.07
N ASP A 95 3.81 -10.88 -8.21
CA ASP A 95 4.30 -11.99 -7.36
C ASP A 95 3.28 -13.11 -7.25
N SER A 96 3.70 -14.18 -6.59
CA SER A 96 2.91 -15.41 -6.44
C SER A 96 3.45 -16.19 -5.23
N TRP A 97 2.76 -17.27 -4.88
CA TRP A 97 3.09 -18.08 -3.71
C TRP A 97 2.92 -19.52 -4.14
N ASP A 98 3.62 -20.44 -3.49
CA ASP A 98 3.23 -21.85 -3.59
C ASP A 98 2.83 -22.28 -2.19
N ALA A 99 2.88 -23.58 -1.93
CA ALA A 99 2.42 -24.16 -0.67
C ALA A 99 2.86 -23.35 0.55
N SER A 100 4.17 -23.25 0.75
CA SER A 100 4.72 -22.39 1.80
C SER A 100 5.76 -21.37 1.29
N SER A 101 6.34 -21.64 0.11
CA SER A 101 7.41 -20.80 -0.46
C SER A 101 6.88 -19.59 -1.25
N TYR A 102 6.98 -18.39 -0.66
CA TYR A 102 6.72 -17.13 -1.39
C TYR A 102 7.74 -16.92 -2.51
N TYR A 103 7.26 -16.58 -3.71
CA TYR A 103 8.13 -16.62 -4.88
C TYR A 103 8.79 -15.29 -5.17
N GLY A 104 8.37 -14.22 -4.48
CA GLY A 104 9.01 -12.94 -4.70
C GLY A 104 8.42 -12.17 -5.88
N LEU A 105 8.88 -10.93 -6.05
CA LEU A 105 8.45 -10.09 -7.15
C LEU A 105 9.46 -10.35 -8.26
N ASP A 106 9.09 -11.24 -9.17
CA ASP A 106 10.05 -11.71 -10.15
C ASP A 106 10.01 -10.99 -11.46
N LEU A 107 8.98 -10.21 -11.70
CA LEU A 107 8.86 -9.49 -12.96
C LEU A 107 8.40 -8.08 -12.68
N TRP A 108 9.14 -7.09 -13.18
CA TRP A 108 8.94 -5.65 -12.87
C TRP A 108 8.91 -4.92 -14.19
N GLY A 109 8.20 -3.81 -14.27
CA GLY A 109 8.34 -2.95 -15.44
C GLY A 109 9.56 -2.03 -15.30
N GLN A 110 9.83 -1.23 -16.33
CA GLN A 110 10.87 -0.21 -16.24
C GLN A 110 10.47 0.99 -15.37
N GLY A 111 9.19 1.09 -15.01
CA GLY A 111 8.72 2.14 -14.12
C GLY A 111 8.25 3.36 -14.93
N THR A 112 7.44 4.22 -14.31
CA THR A 112 6.96 5.43 -14.94
C THR A 112 7.14 6.57 -13.94
N LEU A 113 7.65 7.70 -14.43
CA LEU A 113 8.04 8.82 -13.56
C LEU A 113 6.89 9.79 -13.32
N VAL A 114 6.53 9.97 -12.06
CA VAL A 114 5.55 10.97 -11.68
C VAL A 114 6.24 12.14 -11.02
N THR A 115 5.99 13.34 -11.50
CA THR A 115 6.63 14.51 -10.91
C THR A 115 5.51 15.42 -10.48
N VAL A 116 5.50 15.78 -9.21
CA VAL A 116 4.41 16.60 -8.70
C VAL A 116 4.97 17.98 -8.32
N SER A 117 4.49 19.03 -8.99
CA SER A 117 5.04 20.37 -8.80
C SER A 117 4.07 21.47 -9.23
N SER A 118 4.06 22.63 -8.56
CA SER A 118 3.27 23.73 -9.09
C SER A 118 3.88 24.42 -10.30
N GLY A 119 5.14 24.11 -10.58
CA GLY A 119 5.87 24.73 -11.69
C GLY A 119 5.55 24.19 -13.08
N GLN A 120 5.72 25.04 -14.09
CA GLN A 120 5.50 24.68 -15.48
C GLN A 120 6.68 23.83 -15.93
N PRO A 121 6.46 22.92 -16.88
CA PRO A 121 7.57 22.17 -17.44
C PRO A 121 8.47 23.19 -18.16
N LYS A 122 9.76 22.92 -18.13
CA LYS A 122 10.70 23.87 -18.62
C LYS A 122 11.83 23.11 -19.34
N GLY A 123 12.24 23.59 -20.51
CA GLY A 123 13.33 22.98 -21.25
C GLY A 123 14.66 23.46 -20.70
N PRO A 124 15.76 22.77 -21.05
CA PRO A 124 17.08 23.04 -20.50
C PRO A 124 17.74 24.20 -21.22
N SER A 125 18.56 24.93 -20.48
CA SER A 125 19.58 25.79 -21.04
C SER A 125 20.88 24.99 -21.12
N VAL A 126 21.58 25.16 -22.22
CA VAL A 126 22.80 24.38 -22.44
C VAL A 126 24.02 25.26 -22.59
N PHE A 127 25.04 25.06 -21.74
CA PHE A 127 26.22 25.88 -21.82
C PHE A 127 27.45 25.04 -22.07
N PRO A 128 28.35 25.54 -22.90
CA PRO A 128 29.53 24.78 -23.32
C PRO A 128 30.57 24.80 -22.21
N LEU A 129 31.26 23.68 -22.04
CA LEU A 129 32.37 23.60 -21.10
C LEU A 129 33.64 23.38 -21.90
N ALA A 130 34.59 24.30 -21.80
CA ALA A 130 35.89 24.15 -22.44
C ALA A 130 37.05 24.62 -21.55
N PRO A 131 38.24 24.01 -21.70
CA PRO A 131 39.42 24.52 -20.94
C PRO A 131 39.72 26.03 -21.11
N CYS A 132 40.19 26.69 -20.04
CA CYS A 132 41.08 27.92 -20.02
C CYS A 132 40.58 29.11 -19.18
N SER A 139 47.23 17.50 -29.54
CA SER A 139 46.74 17.37 -28.18
C SER A 139 45.28 16.88 -28.15
N THR A 140 44.97 16.08 -27.14
CA THR A 140 43.60 15.68 -26.91
C THR A 140 43.01 16.59 -25.80
N VAL A 141 41.68 16.73 -25.79
CA VAL A 141 41.02 17.65 -24.87
C VAL A 141 39.67 17.11 -24.39
N THR A 142 39.28 17.50 -23.18
CA THR A 142 37.96 17.12 -22.71
C THR A 142 37.06 18.32 -22.85
N LEU A 143 35.95 18.18 -23.57
CA LEU A 143 34.96 19.27 -23.69
C LEU A 143 33.73 18.81 -22.96
N GLY A 144 32.74 19.70 -22.75
CA GLY A 144 31.55 19.31 -22.03
C GLY A 144 30.37 20.21 -22.27
N CYS A 145 29.25 19.83 -21.67
CA CYS A 145 28.04 20.65 -21.71
C CYS A 145 27.43 20.57 -20.35
N LEU A 146 27.04 21.74 -19.86
CA LEU A 146 26.31 21.87 -18.60
C LEU A 146 24.89 22.16 -18.98
N VAL A 147 23.98 21.32 -18.51
CA VAL A 147 22.60 21.55 -18.83
C VAL A 147 21.78 21.88 -17.60
N LYS A 148 21.20 23.08 -17.64
CA LYS A 148 20.59 23.62 -16.40
C LYS A 148 19.14 24.02 -16.62
N GLY A 149 18.37 23.93 -15.55
CA GLY A 149 17.08 24.57 -15.49
C GLY A 149 15.91 23.81 -16.06
N TYR A 150 15.96 22.48 -16.03
CA TYR A 150 14.88 21.75 -16.67
C TYR A 150 13.93 21.05 -15.67
N LEU A 151 12.71 20.76 -16.10
CA LEU A 151 11.70 20.07 -15.28
C LEU A 151 10.63 19.57 -16.28
N PRO A 152 10.14 18.33 -16.12
CA PRO A 152 10.60 17.29 -15.18
C PRO A 152 11.87 16.66 -15.77
N GLU A 153 12.49 15.74 -15.02
CA GLU A 153 13.48 14.81 -15.61
C GLU A 153 12.79 13.85 -16.60
N PRO A 154 13.54 13.14 -17.45
CA PRO A 154 15.00 13.22 -17.68
C PRO A 154 15.34 14.08 -18.91
N VAL A 155 16.62 14.37 -19.15
CA VAL A 155 17.05 14.80 -20.50
C VAL A 155 17.97 13.69 -20.95
N THR A 156 18.16 13.53 -22.26
CA THR A 156 19.27 12.67 -22.70
C THR A 156 20.37 13.57 -23.30
N VAL A 157 21.65 13.20 -23.16
CA VAL A 157 22.74 13.97 -23.75
C VAL A 157 23.57 13.00 -24.62
N THR A 158 23.76 13.30 -25.90
CA THR A 158 24.68 12.50 -26.69
C THR A 158 25.70 13.47 -27.28
N TRP A 159 26.77 12.93 -27.85
CA TRP A 159 27.85 13.70 -28.45
C TRP A 159 27.95 13.30 -29.92
N ASN A 160 27.95 14.29 -30.83
CA ASN A 160 27.88 13.98 -32.25
C ASN A 160 26.85 12.91 -32.62
N SER A 161 25.63 13.08 -32.11
CA SER A 161 24.54 12.17 -32.43
C SER A 161 24.85 10.69 -32.11
N GLY A 162 25.59 10.46 -31.05
CA GLY A 162 25.84 9.13 -30.55
C GLY A 162 27.07 8.50 -31.15
N THR A 163 27.71 9.21 -32.08
CA THR A 163 28.92 8.65 -32.70
C THR A 163 30.19 8.82 -31.86
N LEU A 164 30.18 9.67 -30.85
CA LEU A 164 31.33 9.77 -29.94
C LEU A 164 30.83 9.13 -28.67
N THR A 165 31.38 8.00 -28.26
CA THR A 165 30.83 7.30 -27.08
C THR A 165 31.94 6.97 -26.11
N ASN A 166 33.14 6.87 -26.69
CA ASN A 166 34.34 6.56 -25.94
C ASN A 166 34.82 7.79 -25.20
N GLY A 167 35.06 7.62 -23.91
CA GLY A 167 35.52 8.72 -23.11
C GLY A 167 34.36 9.63 -22.68
N VAL A 168 33.12 9.27 -22.95
CA VAL A 168 31.98 10.07 -22.46
C VAL A 168 31.66 9.79 -21.01
N ARG A 169 31.54 10.83 -20.18
CA ARG A 169 31.11 10.69 -18.83
C ARG A 169 29.98 11.66 -18.58
N THR A 170 28.81 11.12 -18.28
CA THR A 170 27.67 11.94 -17.90
C THR A 170 27.37 11.74 -16.39
N PHE A 171 27.09 12.82 -15.71
CA PHE A 171 26.96 12.79 -14.24
C PHE A 171 25.49 12.76 -13.87
N PRO A 172 25.17 12.21 -12.68
CA PRO A 172 23.77 12.18 -12.26
C PRO A 172 23.25 13.61 -12.15
N SER A 173 21.97 13.76 -12.41
CA SER A 173 21.37 15.08 -12.32
C SER A 173 21.33 15.53 -10.84
N VAL A 174 21.17 16.83 -10.60
CA VAL A 174 21.04 17.40 -9.25
C VAL A 174 19.83 18.36 -9.26
N ARG A 175 18.92 18.21 -8.31
CA ARG A 175 17.78 19.13 -8.18
C ARG A 175 18.31 20.41 -7.53
N GLN A 176 17.99 21.55 -8.12
CA GLN A 176 18.42 22.84 -7.58
CA GLN A 176 18.40 22.84 -7.56
C GLN A 176 17.42 23.35 -6.51
N SER A 177 17.78 24.40 -5.76
CA SER A 177 16.84 24.91 -4.77
C SER A 177 15.64 25.49 -5.49
N SER A 178 15.79 25.89 -6.75
CA SER A 178 14.62 26.33 -7.50
C SER A 178 13.61 25.18 -7.77
N GLY A 179 14.01 23.95 -7.49
CA GLY A 179 13.21 22.81 -7.94
C GLY A 179 13.49 22.39 -9.40
N LEU A 180 14.39 23.08 -10.09
CA LEU A 180 14.74 22.66 -11.44
C LEU A 180 15.95 21.72 -11.35
N TYR A 181 16.22 20.99 -12.44
CA TYR A 181 17.32 20.07 -12.45
C TYR A 181 18.49 20.57 -13.27
N SER A 182 19.68 20.08 -12.95
CA SER A 182 20.81 20.30 -13.84
C SER A 182 21.70 19.05 -13.91
N LEU A 183 22.39 18.88 -15.02
CA LEU A 183 23.41 17.86 -15.08
C LEU A 183 24.52 18.29 -16.02
N SER A 184 25.62 17.55 -16.03
CA SER A 184 26.71 17.81 -16.96
C SER A 184 27.17 16.53 -17.63
N SER A 185 27.81 16.72 -18.78
CA SER A 185 28.39 15.61 -19.53
C SER A 185 29.73 16.09 -20.08
N VAL A 186 30.75 15.23 -20.02
CA VAL A 186 32.04 15.60 -20.62
C VAL A 186 32.51 14.52 -21.58
N VAL A 187 33.29 14.91 -22.58
CA VAL A 187 33.80 13.92 -23.54
C VAL A 187 35.26 14.21 -23.82
N SER A 188 36.06 13.15 -23.86
CA SER A 188 37.47 13.28 -24.25
C SER A 188 37.61 13.01 -25.76
N VAL A 189 38.19 13.95 -26.51
CA VAL A 189 38.31 13.78 -27.97
C VAL A 189 39.74 14.10 -28.40
N THR A 190 40.14 13.60 -29.57
CA THR A 190 41.42 13.97 -30.16
C THR A 190 41.20 15.13 -31.14
N SER A 191 42.29 15.65 -31.73
CA SER A 191 42.26 16.84 -32.62
C SER A 191 41.95 18.17 -31.88
N GLN A 194 35.21 17.10 -37.27
CA GLN A 194 35.98 18.01 -36.45
C GLN A 194 35.15 18.71 -35.38
N PRO A 195 33.95 19.25 -35.74
CA PRO A 195 33.18 19.88 -34.65
C PRO A 195 32.67 18.87 -33.63
N VAL A 196 32.56 19.29 -32.39
CA VAL A 196 32.10 18.43 -31.33
C VAL A 196 30.84 19.10 -30.79
N THR A 197 29.75 18.37 -30.83
CA THR A 197 28.43 18.91 -30.52
C THR A 197 27.70 18.07 -29.48
N CYS A 198 27.16 18.70 -28.46
CA CYS A 198 26.31 17.95 -27.53
C CYS A 198 24.85 18.11 -27.97
N ASN A 199 24.14 16.98 -28.05
CA ASN A 199 22.72 16.98 -28.37
C ASN A 199 21.93 16.69 -27.10
N VAL A 200 21.10 17.64 -26.67
CA VAL A 200 20.39 17.52 -25.41
C VAL A 200 18.92 17.44 -25.74
N ALA A 201 18.28 16.30 -25.46
CA ALA A 201 16.85 16.20 -25.74
C ALA A 201 15.99 16.27 -24.44
N HIS A 202 14.85 16.96 -24.50
CA HIS A 202 13.93 17.02 -23.34
C HIS A 202 12.53 16.72 -23.84
N PRO A 203 12.19 15.41 -23.91
CA PRO A 203 10.94 14.97 -24.55
C PRO A 203 9.77 15.57 -23.84
N ALA A 204 9.88 15.81 -22.54
CA ALA A 204 8.74 16.37 -21.80
C ALA A 204 8.30 17.75 -22.31
N THR A 205 9.21 18.53 -22.91
CA THR A 205 8.78 19.81 -23.50
C THR A 205 8.94 19.84 -25.05
N ASN A 206 9.09 18.65 -25.65
CA ASN A 206 9.14 18.53 -27.10
C ASN A 206 10.31 19.30 -27.72
N THR A 207 11.43 19.27 -27.03
CA THR A 207 12.53 20.15 -27.38
C THR A 207 13.81 19.34 -27.52
N LYS A 208 14.69 19.80 -28.42
CA LYS A 208 16.05 19.28 -28.44
C LYS A 208 16.95 20.47 -28.72
N VAL A 209 18.10 20.48 -28.08
CA VAL A 209 19.04 21.53 -28.38
C VAL A 209 20.42 20.96 -28.67
N ASP A 210 21.04 21.48 -29.73
CA ASP A 210 22.40 21.08 -30.09
C ASP A 210 23.30 22.26 -29.82
N LYS A 211 24.37 22.02 -29.08
CA LYS A 211 25.36 23.06 -28.86
C LYS A 211 26.70 22.58 -29.35
N THR A 212 27.28 23.29 -30.32
CA THR A 212 28.62 22.94 -30.75
C THR A 212 29.68 23.58 -29.81
N VAL A 213 30.49 22.74 -29.18
CA VAL A 213 31.47 23.20 -28.19
C VAL A 213 32.82 23.57 -28.86
N ALA A 214 33.23 24.82 -28.66
CA ALA A 214 34.42 25.39 -29.30
C ALA A 214 35.62 25.24 -28.37
N PRO A 215 36.69 24.60 -28.85
CA PRO A 215 37.95 24.50 -28.08
C PRO A 215 38.51 25.88 -27.73
N ALA B 1 2.10 -2.88 13.48
CA ALA B 1 2.05 -3.21 12.07
C ALA B 1 3.35 -3.88 11.70
N ILE B 2 3.35 -4.61 10.58
CA ILE B 2 4.52 -5.33 10.11
C ILE B 2 5.60 -4.33 9.72
N LYS B 3 6.78 -4.49 10.31
CA LYS B 3 7.91 -3.59 10.04
C LYS B 3 9.18 -4.43 9.73
N MET B 4 9.99 -3.99 8.74
CA MET B 4 11.19 -4.73 8.31
C MET B 4 12.36 -3.79 8.59
N THR B 5 13.37 -4.29 9.27
CA THR B 5 14.47 -3.44 9.70
C THR B 5 15.73 -4.05 9.15
N GLN B 6 16.36 -3.35 8.20
CA GLN B 6 17.48 -3.89 7.50
C GLN B 6 18.76 -3.15 7.94
N THR B 7 19.82 -3.91 8.20
CA THR B 7 21.08 -3.30 8.67
C THR B 7 22.24 -4.05 8.08
N PRO B 8 23.38 -3.35 7.90
CA PRO B 8 23.59 -1.93 8.17
C PRO B 8 23.10 -1.16 6.93
N SER B 9 23.16 0.16 6.93
CA SER B 9 22.72 0.91 5.75
C SER B 9 23.75 0.91 4.58
N SER B 10 25.00 0.65 4.93
CA SER B 10 26.07 0.65 3.99
C SER B 10 27.13 -0.31 4.52
N VAL B 11 27.74 -1.06 3.61
CA VAL B 11 28.81 -1.96 3.99
C VAL B 11 29.86 -1.99 2.88
N SER B 12 31.13 -2.16 3.25
CA SER B 12 32.14 -2.28 2.21
C SER B 12 32.96 -3.56 2.32
N ALA B 13 33.45 -4.05 1.19
CA ALA B 13 34.22 -5.28 1.22
C ALA B 13 35.28 -5.21 0.15
N ALA B 14 36.48 -5.69 0.41
CA ALA B 14 37.45 -5.83 -0.68
C ALA B 14 36.96 -6.84 -1.72
N VAL B 15 37.38 -6.64 -2.97
CA VAL B 15 37.14 -7.64 -4.00
C VAL B 15 37.57 -9.01 -3.49
N GLY B 16 36.71 -10.01 -3.66
CA GLY B 16 37.03 -11.33 -3.14
C GLY B 16 36.53 -11.61 -1.73
N GLY B 17 36.14 -10.58 -0.99
CA GLY B 17 35.72 -10.77 0.40
C GLY B 17 34.24 -11.11 0.50
N THR B 18 33.68 -10.94 1.69
CA THR B 18 32.32 -11.39 1.97
C THR B 18 31.54 -10.27 2.60
N VAL B 19 30.30 -10.13 2.18
CA VAL B 19 29.40 -9.12 2.72
C VAL B 19 28.21 -9.84 3.36
N THR B 20 27.80 -9.36 4.54
CA THR B 20 26.68 -9.89 5.26
C THR B 20 25.64 -8.78 5.53
N ILE B 21 24.38 -9.06 5.19
CA ILE B 21 23.31 -8.11 5.38
C ILE B 21 22.19 -8.78 6.21
N ASN B 22 21.72 -8.07 7.23
CA ASN B 22 20.68 -8.59 8.12
C ASN B 22 19.35 -7.91 7.94
N CYS B 23 18.29 -8.67 8.19
CA CYS B 23 16.93 -8.20 8.05
C CYS B 23 16.16 -8.70 9.28
N GLN B 24 15.53 -7.78 10.01
CA GLN B 24 14.73 -8.12 11.17
C GLN B 24 13.27 -7.77 10.87
N ALA B 25 12.36 -8.75 11.00
CA ALA B 25 10.90 -8.58 10.89
C ALA B 25 10.29 -8.30 12.25
N SER B 26 9.28 -7.43 12.33
CA SER B 26 8.62 -7.16 13.66
C SER B 26 7.77 -8.33 14.16
N GLU B 27 7.54 -9.31 13.29
CA GLU B 27 6.89 -10.53 13.78
C GLU B 27 7.29 -11.68 12.89
N ASP B 28 6.84 -12.87 13.27
CA ASP B 28 7.28 -14.11 12.63
C ASP B 28 6.73 -14.16 11.23
N ILE B 29 7.61 -14.05 10.23
CA ILE B 29 7.16 -14.05 8.86
C ILE B 29 7.39 -15.38 8.17
N LYS B 30 7.80 -16.39 8.94
CA LYS B 30 7.80 -17.79 8.46
C LYS B 30 8.51 -18.01 7.14
N ARG B 31 9.63 -17.33 6.94
CA ARG B 31 10.44 -17.43 5.72
C ARG B 31 9.77 -16.98 4.42
N TYR B 32 8.63 -16.30 4.49
CA TYR B 32 8.05 -15.65 3.31
C TYR B 32 8.86 -14.37 3.05
N LEU B 33 10.06 -14.51 2.50
CA LEU B 33 10.98 -13.39 2.48
C LEU B 33 11.79 -13.48 1.21
N ALA B 34 12.01 -12.35 0.55
CA ALA B 34 12.83 -12.29 -0.67
C ALA B 34 13.94 -11.23 -0.53
N TRP B 35 14.99 -11.36 -1.36
CA TRP B 35 16.09 -10.40 -1.46
C TRP B 35 16.25 -9.94 -2.91
N TYR B 36 16.54 -8.66 -3.07
CA TYR B 36 16.71 -8.06 -4.38
C TYR B 36 18.04 -7.28 -4.46
N GLN B 37 18.52 -7.13 -5.69
CA GLN B 37 19.68 -6.28 -5.97
C GLN B 37 19.19 -5.17 -6.88
N GLN B 38 19.67 -3.94 -6.68
CA GLN B 38 19.26 -2.91 -7.65
C GLN B 38 20.41 -1.98 -7.93
N LYS B 39 20.58 -1.64 -9.21
CA LYS B 39 21.56 -0.64 -9.57
C LYS B 39 20.81 0.52 -10.16
N PRO B 40 21.37 1.76 -10.05
CA PRO B 40 20.70 2.99 -10.55
C PRO B 40 20.23 2.86 -11.99
N GLY B 41 19.06 3.42 -12.25
CA GLY B 41 18.47 3.32 -13.56
C GLY B 41 17.71 2.02 -13.85
N GLN B 42 17.77 1.04 -12.98
CA GLN B 42 17.13 -0.23 -13.29
C GLN B 42 16.13 -0.65 -12.22
N PRO B 43 15.13 -1.46 -12.59
CA PRO B 43 14.30 -2.03 -11.55
C PRO B 43 15.12 -3.03 -10.77
N PRO B 44 14.66 -3.37 -9.59
CA PRO B 44 15.34 -4.35 -8.76
C PRO B 44 15.26 -5.74 -9.44
N LYS B 45 16.22 -6.58 -9.08
CA LYS B 45 16.31 -7.93 -9.60
C LYS B 45 16.19 -8.90 -8.43
N LEU B 46 15.30 -9.87 -8.55
CA LEU B 46 15.08 -10.89 -7.52
C LEU B 46 16.32 -11.79 -7.43
N LEU B 47 16.86 -11.97 -6.24
CA LEU B 47 17.99 -12.85 -6.05
C LEU B 47 17.60 -14.13 -5.36
N ILE B 48 16.83 -13.98 -4.29
CA ILE B 48 16.53 -15.07 -3.37
C ILE B 48 15.02 -15.00 -3.00
N TYR B 49 14.33 -16.13 -3.04
CA TYR B 49 12.91 -16.19 -2.64
C TYR B 49 12.78 -17.29 -1.58
N ALA B 50 11.64 -17.36 -0.93
CA ALA B 50 11.39 -18.33 0.14
C ALA B 50 12.58 -18.33 1.11
N ALA B 51 13.12 -17.15 1.37
CA ALA B 51 14.23 -16.94 2.32
C ALA B 51 15.62 -17.51 1.93
N SER B 52 15.67 -18.62 1.18
CA SER B 52 16.97 -19.27 0.92
C SER B 52 17.08 -19.91 -0.46
N LYS B 53 16.07 -19.76 -1.31
CA LYS B 53 16.12 -20.37 -2.61
C LYS B 53 16.58 -19.35 -3.63
N LEU B 54 17.55 -19.75 -4.45
CA LEU B 54 18.09 -18.93 -5.54
C LEU B 54 17.10 -18.74 -6.66
N ALA B 55 16.85 -17.50 -7.05
CA ALA B 55 16.02 -17.30 -8.22
C ALA B 55 16.73 -17.81 -9.48
N SER B 56 15.94 -18.08 -10.52
CA SER B 56 16.49 -18.73 -11.71
C SER B 56 17.66 -17.93 -12.29
N GLY B 57 18.77 -18.61 -12.58
CA GLY B 57 19.98 -18.01 -13.14
C GLY B 57 20.87 -17.24 -12.16
N VAL B 58 20.41 -17.04 -10.93
CA VAL B 58 21.21 -16.24 -9.98
C VAL B 58 22.40 -17.05 -9.42
N SER B 59 23.58 -16.44 -9.29
CA SER B 59 24.77 -17.12 -8.78
C SER B 59 24.72 -17.62 -7.35
N SER B 60 25.27 -18.81 -7.10
CA SER B 60 25.30 -19.34 -5.74
C SER B 60 26.24 -18.55 -4.80
N ARG B 61 26.88 -17.50 -5.29
CA ARG B 61 27.64 -16.62 -4.40
C ARG B 61 26.71 -15.85 -3.49
N PHE B 62 25.43 -15.79 -3.87
CA PHE B 62 24.43 -15.14 -3.05
C PHE B 62 23.78 -16.21 -2.21
N LYS B 63 23.71 -15.98 -0.91
CA LYS B 63 23.15 -16.97 -0.01
C LYS B 63 22.18 -16.36 0.99
N GLY B 64 20.96 -16.89 0.99
CA GLY B 64 19.93 -16.44 1.94
C GLY B 64 19.80 -17.42 3.08
N SER B 65 19.61 -16.91 4.31
CA SER B 65 19.35 -17.80 5.46
C SER B 65 18.47 -17.12 6.50
N GLY B 66 18.06 -17.91 7.49
CA GLY B 66 17.28 -17.41 8.61
C GLY B 66 15.86 -17.94 8.73
N SER B 67 15.22 -17.58 9.83
CA SER B 67 13.83 -17.97 10.05
C SER B 67 13.23 -17.08 11.12
N GLY B 68 11.95 -17.28 11.41
CA GLY B 68 11.22 -16.49 12.37
C GLY B 68 11.30 -15.01 12.00
N THR B 69 12.04 -14.26 12.80
CA THR B 69 12.11 -12.82 12.61
C THR B 69 13.47 -12.35 12.12
N GLU B 70 14.42 -13.27 11.88
CA GLU B 70 15.80 -12.87 11.63
C GLU B 70 16.35 -13.53 10.37
N TYR B 71 16.76 -12.72 9.39
CA TYR B 71 17.25 -13.22 8.09
C TYR B 71 18.54 -12.55 7.70
N THR B 72 19.30 -13.23 6.86
CA THR B 72 20.60 -12.74 6.45
C THR B 72 20.84 -13.05 4.97
N LEU B 73 21.45 -12.10 4.26
CA LEU B 73 21.95 -12.34 2.91
C LEU B 73 23.45 -12.22 3.02
N THR B 74 24.16 -13.24 2.52
CA THR B 74 25.61 -13.23 2.43
C THR B 74 26.02 -13.26 0.96
N ILE B 75 26.97 -12.40 0.59
CA ILE B 75 27.54 -12.41 -0.75
C ILE B 75 29.04 -12.78 -0.64
N SER B 76 29.42 -13.91 -1.24
CA SER B 76 30.81 -14.38 -1.27
C SER B 76 31.52 -14.04 -2.57
N GLY B 77 32.86 -13.99 -2.55
CA GLY B 77 33.68 -13.74 -3.75
C GLY B 77 33.27 -12.44 -4.42
N VAL B 78 33.00 -11.43 -3.60
CA VAL B 78 32.56 -10.11 -4.05
C VAL B 78 33.34 -9.51 -5.20
N GLN B 79 32.60 -9.04 -6.21
CA GLN B 79 33.22 -8.49 -7.39
CA GLN B 79 33.22 -8.50 -7.43
C GLN B 79 32.67 -7.10 -7.68
N CYS B 80 33.36 -6.32 -8.53
CA CYS B 80 32.88 -4.96 -8.82
C CYS B 80 31.46 -4.97 -9.36
N ASP B 81 31.10 -6.03 -10.08
CA ASP B 81 29.78 -6.15 -10.69
C ASP B 81 28.68 -6.31 -9.59
N ASP B 82 29.08 -6.58 -8.34
CA ASP B 82 28.12 -6.67 -7.22
C ASP B 82 27.83 -5.32 -6.49
N ALA B 83 28.57 -4.26 -6.83
CA ALA B 83 28.36 -2.96 -6.19
C ALA B 83 26.93 -2.56 -6.55
N ALA B 84 26.08 -2.43 -5.55
CA ALA B 84 24.63 -2.21 -5.75
C ALA B 84 23.99 -1.94 -4.39
N THR B 85 22.67 -1.68 -4.41
CA THR B 85 21.86 -1.59 -3.20
C THR B 85 21.02 -2.85 -3.11
N TYR B 86 20.98 -3.43 -1.91
CA TYR B 86 20.27 -4.70 -1.68
C TYR B 86 19.07 -4.46 -0.74
N TYR B 87 17.92 -5.07 -1.05
CA TYR B 87 16.71 -4.92 -0.22
C TYR B 87 16.17 -6.27 0.19
N CYS B 88 15.73 -6.37 1.45
CA CYS B 88 14.90 -7.53 1.85
C CYS B 88 13.44 -7.12 1.67
N GLN B 89 12.54 -8.11 1.56
CA GLN B 89 11.12 -7.84 1.41
C GLN B 89 10.30 -8.98 2.00
N GLN B 90 9.38 -8.68 2.90
CA GLN B 90 8.44 -9.71 3.43
C GLN B 90 7.26 -9.91 2.47
N GLY B 91 6.95 -11.18 2.21
CA GLY B 91 5.78 -11.54 1.42
C GLY B 91 4.81 -12.36 2.31
N TYR B 92 4.94 -12.23 3.62
CA TYR B 92 4.06 -12.88 4.60
C TYR B 92 2.60 -12.32 4.61
N THR B 93 2.46 -10.99 4.57
CA THR B 93 1.13 -10.40 4.58
C THR B 93 1.06 -9.08 3.85
N SER B 94 -0.12 -8.79 3.33
CA SER B 94 -0.39 -7.49 2.73
C SER B 94 -1.24 -6.62 3.66
N SER B 95 -1.67 -7.16 4.81
CA SER B 95 -2.53 -6.43 5.73
C SER B 95 -1.79 -5.75 6.90
N ASN B 96 -2.19 -4.54 7.30
CA ASN B 96 -1.52 -3.82 8.40
C ASN B 96 0.00 -3.68 8.20
N VAL B 97 0.40 -3.27 6.99
CA VAL B 97 1.81 -3.14 6.71
C VAL B 97 2.21 -1.68 6.75
N ASN B 98 3.27 -1.42 7.51
CA ASN B 98 3.94 -0.12 7.59
C ASN B 98 4.95 -0.04 6.47
N ASN B 99 5.87 -1.00 6.42
CA ASN B 99 6.73 -1.13 5.26
C ASN B 99 7.06 -2.59 4.97
N ALA B 100 6.94 -3.00 3.72
CA ALA B 100 7.17 -4.40 3.28
C ALA B 100 8.63 -4.67 2.91
N PHE B 101 9.28 -3.62 2.41
CA PHE B 101 10.72 -3.66 2.12
C PHE B 101 11.55 -3.09 3.26
N GLY B 102 12.71 -3.70 3.52
CA GLY B 102 13.76 -3.05 4.31
C GLY B 102 14.26 -1.77 3.65
N GLY B 103 14.94 -0.94 4.45
CA GLY B 103 15.50 0.33 4.01
C GLY B 103 16.61 0.21 2.95
N GLY B 104 17.17 -0.99 2.79
CA GLY B 104 18.16 -1.19 1.76
C GLY B 104 19.56 -1.07 2.34
N THR B 105 20.53 -1.65 1.65
CA THR B 105 21.93 -1.67 2.06
C THR B 105 22.81 -1.44 0.85
N GLU B 106 23.56 -0.35 0.88
CA GLU B 106 24.46 -0.07 -0.23
C GLU B 106 25.73 -0.83 0.02
N VAL B 107 26.16 -1.59 -0.97
CA VAL B 107 27.40 -2.33 -0.89
C VAL B 107 28.46 -1.62 -1.75
N VAL B 108 29.58 -1.27 -1.13
CA VAL B 108 30.70 -0.60 -1.81
C VAL B 108 31.79 -1.61 -1.92
N VAL B 109 32.27 -1.82 -3.14
CA VAL B 109 33.24 -2.85 -3.40
C VAL B 109 34.60 -2.16 -3.56
N LYS B 110 35.58 -2.60 -2.79
CA LYS B 110 36.91 -1.94 -2.87
C LYS B 110 37.84 -2.67 -3.85
N GLY B 111 37.91 -2.19 -5.09
CA GLY B 111 38.76 -2.75 -6.13
C GLY B 111 40.13 -2.07 -6.14
N ASP B 112 40.86 -2.16 -7.25
CA ASP B 112 42.20 -1.58 -7.38
C ASP B 112 42.08 -0.07 -7.24
N PRO B 113 42.92 0.55 -6.41
CA PRO B 113 42.82 2.01 -6.29
C PRO B 113 43.27 2.73 -7.56
N VAL B 114 42.68 3.91 -7.79
CA VAL B 114 43.03 4.75 -8.94
C VAL B 114 42.92 6.21 -8.48
N ALA B 115 43.98 6.98 -8.76
CA ALA B 115 43.98 8.41 -8.50
C ALA B 115 43.11 9.16 -9.53
N PRO B 116 42.40 10.21 -9.09
CA PRO B 116 41.50 10.96 -10.00
C PRO B 116 42.25 11.79 -11.05
N THR B 117 41.64 11.92 -12.21
CA THR B 117 42.02 12.86 -13.21
C THR B 117 41.09 14.05 -13.04
N VAL B 118 41.66 15.23 -12.82
CA VAL B 118 40.83 16.43 -12.47
C VAL B 118 40.89 17.49 -13.56
N LEU B 119 39.77 18.14 -13.82
CA LEU B 119 39.65 19.15 -14.87
C LEU B 119 38.76 20.24 -14.31
N ILE B 120 39.06 21.50 -14.65
CA ILE B 120 38.20 22.63 -14.30
C ILE B 120 37.81 23.39 -15.56
N PHE B 121 36.58 23.89 -15.59
CA PHE B 121 35.99 24.58 -16.72
C PHE B 121 35.45 25.92 -16.25
N PRO B 122 35.94 27.02 -16.83
CA PRO B 122 35.42 28.32 -16.42
C PRO B 122 34.07 28.49 -17.05
N PRO B 123 33.24 29.38 -16.50
CA PRO B 123 31.90 29.56 -17.09
C PRO B 123 32.05 30.21 -18.45
N ALA B 124 31.28 29.76 -19.44
CA ALA B 124 31.27 30.37 -20.79
C ALA B 124 30.68 31.79 -20.74
N ALA B 125 31.03 32.63 -21.71
CA ALA B 125 30.48 33.98 -21.79
C ALA B 125 28.92 34.00 -21.76
N ASP B 126 28.32 33.01 -22.38
CA ASP B 126 26.85 32.96 -22.38
C ASP B 126 26.25 32.71 -20.98
N GLN B 127 27.04 32.13 -20.07
CA GLN B 127 26.61 32.01 -18.67
C GLN B 127 26.65 33.33 -17.94
N VAL B 128 27.82 33.97 -18.03
CA VAL B 128 28.05 35.24 -17.35
C VAL B 128 26.93 36.20 -17.70
N ALA B 129 26.53 36.18 -18.96
CA ALA B 129 25.48 37.08 -19.41
C ALA B 129 24.09 36.86 -18.73
N THR B 130 23.86 35.70 -18.10
CA THR B 130 22.57 35.44 -17.42
C THR B 130 22.50 35.98 -16.00
N GLY B 131 23.62 36.45 -15.45
CA GLY B 131 23.62 36.94 -14.08
C GLY B 131 24.08 35.94 -13.02
N THR B 132 24.16 34.68 -13.40
CA THR B 132 24.60 33.62 -12.49
C THR B 132 25.60 32.77 -13.26
N VAL B 133 26.70 32.39 -12.62
CA VAL B 133 27.63 31.44 -13.23
C VAL B 133 27.84 30.17 -12.40
N THR B 134 28.22 29.10 -13.10
CA THR B 134 28.51 27.84 -12.47
C THR B 134 29.85 27.43 -13.00
N ILE B 135 30.79 27.25 -12.09
CA ILE B 135 32.09 26.78 -12.43
C ILE B 135 32.06 25.27 -12.23
N VAL B 136 32.61 24.51 -13.15
CA VAL B 136 32.55 23.05 -13.03
C VAL B 136 33.94 22.45 -12.87
N CYS B 137 34.02 21.52 -11.94
CA CYS B 137 35.25 20.76 -11.72
C CYS B 137 34.87 19.28 -11.74
N VAL B 138 35.64 18.46 -12.45
CA VAL B 138 35.33 17.02 -12.52
C VAL B 138 36.55 16.23 -12.04
N ALA B 139 36.29 15.16 -11.32
CA ALA B 139 37.31 14.17 -10.93
C ALA B 139 36.87 12.86 -11.56
N ASN B 140 37.65 12.40 -12.54
CA ASN B 140 37.27 11.24 -13.33
C ASN B 140 38.05 10.01 -12.93
N LYS B 141 37.31 8.92 -12.83
CA LYS B 141 37.83 7.56 -12.70
C LYS B 141 38.70 7.38 -11.49
N TYR B 142 38.08 7.31 -10.31
CA TYR B 142 38.90 7.24 -9.13
C TYR B 142 38.31 6.28 -8.11
N PHE B 143 39.18 5.77 -7.24
CA PHE B 143 38.81 4.99 -6.07
C PHE B 143 40.03 4.94 -5.12
N PRO B 144 39.83 5.13 -3.79
CA PRO B 144 38.59 5.36 -3.00
C PRO B 144 38.12 6.81 -3.07
N ASP B 145 37.14 7.15 -2.25
CA ASP B 145 36.47 8.46 -2.27
C ASP B 145 37.40 9.64 -2.13
N VAL B 146 37.01 10.76 -2.74
CA VAL B 146 37.79 12.00 -2.61
C VAL B 146 37.04 13.10 -1.87
N THR B 147 37.75 14.16 -1.50
CA THR B 147 37.10 15.35 -0.96
C THR B 147 37.39 16.48 -1.93
N VAL B 148 36.42 17.35 -2.17
CA VAL B 148 36.72 18.50 -3.02
C VAL B 148 36.74 19.78 -2.19
N THR B 149 37.74 20.63 -2.39
CA THR B 149 37.79 21.95 -1.73
C THR B 149 37.85 22.98 -2.85
N TRP B 150 36.98 23.98 -2.78
CA TRP B 150 36.98 25.06 -3.76
C TRP B 150 37.68 26.25 -3.11
N GLU B 151 38.48 27.00 -3.87
CA GLU B 151 39.14 28.19 -3.32
C GLU B 151 39.04 29.32 -4.29
N VAL B 152 38.79 30.54 -3.78
CA VAL B 152 38.62 31.68 -4.64
C VAL B 152 39.63 32.73 -4.10
N ASP B 153 40.61 33.05 -4.93
CA ASP B 153 41.79 33.78 -4.49
C ASP B 153 42.34 33.29 -3.16
N GLY B 154 42.37 31.97 -2.97
CA GLY B 154 42.96 31.39 -1.80
C GLY B 154 42.03 31.26 -0.61
N THR B 155 40.83 31.81 -0.70
CA THR B 155 39.88 31.60 0.38
C THR B 155 38.98 30.41 0.11
N THR B 156 38.95 29.49 1.08
CA THR B 156 38.08 28.34 1.01
C THR B 156 36.63 28.75 0.90
N GLN B 157 35.94 28.20 -0.09
CA GLN B 157 34.56 28.51 -0.33
C GLN B 157 33.70 27.48 0.44
N THR B 158 32.67 27.91 1.15
CA THR B 158 31.86 26.98 1.94
C THR B 158 30.40 26.92 1.52
N THR B 159 30.01 27.83 0.63
CA THR B 159 28.63 27.85 0.12
C THR B 159 28.64 27.80 -1.41
N GLY B 160 27.48 27.52 -2.00
CA GLY B 160 27.29 27.62 -3.44
C GLY B 160 27.80 26.36 -4.18
N ILE B 161 28.17 25.35 -3.41
CA ILE B 161 28.80 24.11 -3.94
C ILE B 161 27.87 22.90 -4.00
N GLU B 162 27.83 22.20 -5.15
CA GLU B 162 27.06 20.96 -5.27
C GLU B 162 27.88 19.83 -5.88
N ASN B 163 27.76 18.63 -5.31
CA ASN B 163 28.60 17.53 -5.75
C ASN B 163 27.70 16.43 -6.28
N SER B 164 28.07 15.81 -7.41
CA SER B 164 27.26 14.71 -7.94
C SER B 164 28.16 13.57 -8.35
N LYS B 165 28.02 12.44 -7.66
CA LYS B 165 28.94 11.32 -7.86
C LYS B 165 28.21 10.18 -8.55
N THR B 166 28.83 9.56 -9.55
CA THR B 166 28.23 8.37 -10.23
C THR B 166 28.18 7.18 -9.27
N PRO B 167 27.40 6.14 -9.62
CA PRO B 167 27.56 4.84 -8.93
C PRO B 167 28.94 4.27 -9.24
N GLN B 168 29.38 3.25 -8.50
CA GLN B 168 30.62 2.58 -8.86
C GLN B 168 30.50 1.91 -10.21
N ASN B 169 31.56 2.01 -10.99
CA ASN B 169 31.69 1.29 -12.25
C ASN B 169 31.67 -0.23 -12.07
N SER B 170 30.79 -0.92 -12.80
CA SER B 170 30.62 -2.38 -12.62
C SER B 170 31.81 -3.20 -12.97
N ALA B 171 32.72 -2.63 -13.76
CA ALA B 171 33.88 -3.42 -14.21
C ALA B 171 35.06 -3.12 -13.30
N ASP B 172 35.22 -1.87 -12.92
CA ASP B 172 36.45 -1.52 -12.14
C ASP B 172 36.29 -0.79 -10.83
N CYS B 173 35.04 -0.64 -10.36
CA CYS B 173 34.71 -0.08 -9.04
CA CYS B 173 34.77 -0.08 -9.02
C CYS B 173 34.94 1.44 -8.90
N THR B 174 35.39 2.11 -9.96
CA THR B 174 35.68 3.55 -9.82
C THR B 174 34.47 4.46 -9.92
N TYR B 175 34.65 5.67 -9.39
CA TYR B 175 33.63 6.74 -9.45
C TYR B 175 34.03 7.84 -10.43
N ASN B 176 33.05 8.61 -10.90
CA ASN B 176 33.36 9.94 -11.46
C ASN B 176 32.53 10.94 -10.66
N LEU B 177 33.04 12.15 -10.51
CA LEU B 177 32.42 13.17 -9.69
C LEU B 177 32.37 14.49 -10.43
N SER B 178 31.24 15.16 -10.43
CA SER B 178 31.27 16.58 -10.84
C SER B 178 30.98 17.42 -9.62
N SER B 179 31.73 18.49 -9.47
CA SER B 179 31.53 19.46 -8.38
C SER B 179 31.29 20.83 -9.00
N THR B 180 30.23 21.52 -8.60
CA THR B 180 30.02 22.84 -9.18
C THR B 180 30.00 23.94 -8.13
N LEU B 181 30.48 25.11 -8.52
CA LEU B 181 30.44 26.26 -7.64
C LEU B 181 29.62 27.29 -8.37
N THR B 182 28.55 27.77 -7.74
CA THR B 182 27.65 28.69 -8.40
C THR B 182 27.71 30.05 -7.69
N LEU B 183 27.89 31.12 -8.46
CA LEU B 183 28.03 32.49 -7.91
C LEU B 183 27.27 33.45 -8.81
N THR B 184 26.99 34.67 -8.33
CA THR B 184 26.45 35.67 -9.23
C THR B 184 27.56 36.13 -10.13
N SER B 185 27.15 36.68 -11.27
CA SER B 185 28.11 37.23 -12.21
C SER B 185 28.94 38.34 -11.53
N THR B 186 28.29 39.12 -10.68
CA THR B 186 29.02 40.17 -9.94
C THR B 186 29.96 39.53 -8.95
N GLN B 187 29.45 38.60 -8.15
CA GLN B 187 30.34 37.85 -7.26
C GLN B 187 31.53 37.27 -8.03
N TYR B 188 31.27 36.67 -9.22
CA TYR B 188 32.29 36.05 -10.07
C TYR B 188 33.35 37.06 -10.58
N ASN B 189 32.85 38.24 -10.91
CA ASN B 189 33.73 39.30 -11.38
C ASN B 189 34.48 39.96 -10.22
N SER B 190 33.98 39.78 -9.00
CA SER B 190 34.63 40.32 -7.79
C SER B 190 35.98 39.63 -7.45
N HIS B 191 36.38 38.61 -8.22
CA HIS B 191 37.55 37.78 -7.88
C HIS B 191 38.40 37.34 -9.10
N LYS B 192 39.63 36.87 -8.87
CA LYS B 192 40.51 36.48 -10.00
C LYS B 192 40.81 34.96 -10.20
N GLU B 193 41.30 34.32 -9.16
CA GLU B 193 41.76 32.96 -9.31
C GLU B 193 40.78 31.94 -8.72
N TYR B 194 40.38 30.95 -9.51
CA TYR B 194 39.41 29.95 -9.08
C TYR B 194 40.07 28.57 -9.08
N THR B 195 39.97 27.84 -7.96
CA THR B 195 40.74 26.60 -7.78
C THR B 195 39.82 25.49 -7.31
N CYS B 196 39.95 24.32 -7.95
CA CYS B 196 39.34 23.08 -7.50
C CYS B 196 40.48 22.19 -6.93
N LYS B 197 40.36 21.77 -5.68
CA LYS B 197 41.37 20.91 -5.06
C LYS B 197 40.74 19.57 -4.70
N VAL B 198 41.32 18.48 -5.22
CA VAL B 198 40.71 17.15 -4.99
C VAL B 198 41.68 16.30 -4.15
N THR B 199 41.23 15.86 -3.00
CA THR B 199 42.11 15.12 -2.10
C THR B 199 41.69 13.66 -1.92
N GLN B 200 42.65 12.75 -2.03
CA GLN B 200 42.38 11.32 -1.88
C GLN B 200 43.40 10.82 -0.85
N GLY B 201 42.95 10.39 0.31
CA GLY B 201 43.92 10.05 1.34
C GLY B 201 44.58 11.35 1.77
N THR B 202 45.89 11.45 1.62
CA THR B 202 46.56 12.71 1.89
C THR B 202 47.14 13.35 0.63
N THR B 203 46.83 12.77 -0.52
CA THR B 203 47.39 13.26 -1.77
C THR B 203 46.42 14.16 -2.50
N SER B 204 46.87 15.37 -2.82
CA SER B 204 46.02 16.34 -3.48
C SER B 204 46.39 16.63 -4.94
N VAL B 205 45.38 16.97 -5.71
CA VAL B 205 45.52 17.31 -7.12
C VAL B 205 44.81 18.63 -7.26
N VAL B 206 45.44 19.61 -7.89
CA VAL B 206 44.84 20.94 -7.97
C VAL B 206 44.69 21.40 -9.42
N GLN B 207 43.54 21.95 -9.77
CA GLN B 207 43.39 22.65 -11.06
C GLN B 207 42.85 24.06 -10.83
N SER B 208 43.41 25.04 -11.51
CA SER B 208 42.99 26.43 -11.36
C SER B 208 42.89 27.15 -12.69
N PHE B 209 42.23 28.31 -12.70
CA PHE B 209 42.26 29.26 -13.80
C PHE B 209 42.12 30.70 -13.24
N ASN B 210 42.58 31.70 -14.00
CA ASN B 210 42.37 33.12 -13.68
C ASN B 210 41.25 33.68 -14.54
N ARG B 211 40.20 34.25 -13.94
CA ARG B 211 39.04 34.76 -14.71
C ARG B 211 39.49 35.79 -15.73
N PCA C 1 -35.28 -25.86 7.10
CA PCA C 1 -34.56 -25.30 5.96
CB PCA C 1 -35.48 -24.44 5.10
CG PCA C 1 -36.66 -24.10 5.99
CD PCA C 1 -36.54 -25.11 7.12
OE PCA C 1 -37.43 -25.31 7.96
C PCA C 1 -33.46 -24.45 6.60
O PCA C 1 -33.71 -23.32 7.03
N SER C 2 -32.26 -25.01 6.72
CA SER C 2 -31.22 -24.40 7.53
C SER C 2 -29.82 -24.84 7.07
N VAL C 3 -28.88 -23.91 7.07
CA VAL C 3 -27.48 -24.26 6.92
C VAL C 3 -26.63 -23.62 8.02
N GLU C 4 -25.58 -24.35 8.39
CA GLU C 4 -24.70 -23.96 9.47
C GLU C 4 -23.25 -24.30 9.10
N GLU C 5 -22.38 -23.29 9.02
CA GLU C 5 -20.94 -23.50 8.73
C GLU C 5 -20.19 -23.78 10.01
N SER C 6 -19.20 -24.68 9.96
CA SER C 6 -18.29 -24.78 11.09
C SER C 6 -16.86 -25.00 10.62
N GLY C 7 -15.91 -24.86 11.54
CA GLY C 7 -14.52 -25.23 11.23
C GLY C 7 -13.54 -24.05 11.17
N GLY C 8 -14.06 -22.83 11.12
CA GLY C 8 -13.18 -21.67 11.10
C GLY C 8 -12.37 -21.57 12.38
N ARG C 9 -11.10 -21.23 12.26
CA ARG C 9 -10.24 -21.06 13.42
C ARG C 9 -8.99 -20.30 13.02
N LEU C 10 -8.13 -19.99 13.98
CA LEU C 10 -6.81 -19.43 13.66
C LEU C 10 -5.86 -20.52 13.18
N VAL C 11 -5.31 -20.42 11.95
CA VAL C 11 -4.24 -21.37 11.55
C VAL C 11 -2.99 -20.67 11.02
N THR C 12 -1.83 -21.32 11.12
CA THR C 12 -0.64 -20.73 10.48
C THR C 12 -0.71 -20.93 8.96
N PRO C 13 -0.08 -20.01 8.22
CA PRO C 13 -0.07 -20.12 6.76
C PRO C 13 0.52 -21.45 6.31
N GLY C 14 -0.13 -22.09 5.35
CA GLY C 14 0.34 -23.34 4.79
C GLY C 14 -0.29 -24.56 5.40
N THR C 15 -1.03 -24.36 6.48
CA THR C 15 -1.70 -25.48 7.16
C THR C 15 -3.06 -25.75 6.50
N PRO C 16 -3.28 -26.97 5.99
CA PRO C 16 -4.60 -27.25 5.40
C PRO C 16 -5.76 -27.15 6.41
N LEU C 17 -6.90 -26.63 5.98
CA LEU C 17 -8.07 -26.47 6.84
C LEU C 17 -9.33 -26.89 6.07
N THR C 18 -10.19 -27.67 6.70
CA THR C 18 -11.47 -28.02 6.08
C THR C 18 -12.64 -27.33 6.82
N LEU C 19 -13.50 -26.68 6.05
CA LEU C 19 -14.71 -26.10 6.59
C LEU C 19 -15.87 -27.02 6.26
N THR C 20 -16.89 -27.04 7.13
CA THR C 20 -18.03 -27.93 6.91
C THR C 20 -19.34 -27.14 6.94
N CYS C 21 -20.16 -27.35 5.92
CA CYS C 21 -21.50 -26.79 5.91
C CYS C 21 -22.47 -27.92 6.17
N THR C 22 -23.26 -27.80 7.23
CA THR C 22 -24.27 -28.85 7.50
C THR C 22 -25.69 -28.34 7.27
N VAL C 23 -26.41 -29.11 6.48
CA VAL C 23 -27.67 -28.71 5.86
C VAL C 23 -28.79 -29.53 6.47
N SER C 24 -29.97 -28.92 6.64
CA SER C 24 -31.13 -29.71 7.05
C SER C 24 -32.42 -29.11 6.48
N GLY C 25 -33.42 -29.95 6.23
CA GLY C 25 -34.71 -29.44 5.78
C GLY C 25 -34.83 -29.33 4.28
N PHE C 26 -33.78 -29.71 3.55
CA PHE C 26 -33.89 -29.80 2.11
C PHE C 26 -32.85 -30.77 1.53
N SER C 27 -33.02 -31.11 0.25
CA SER C 27 -32.22 -32.15 -0.41
C SER C 27 -31.06 -31.59 -1.25
N LEU C 28 -29.84 -32.11 -1.06
CA LEU C 28 -28.72 -31.74 -1.93
C LEU C 28 -28.80 -32.38 -3.32
N SER C 29 -29.78 -33.28 -3.51
CA SER C 29 -30.11 -33.79 -4.85
C SER C 29 -31.04 -32.82 -5.58
N THR C 30 -31.45 -31.77 -4.89
CA THR C 30 -32.25 -30.72 -5.50
C THR C 30 -31.56 -29.35 -5.56
N TYR C 31 -30.86 -29.00 -4.48
CA TYR C 31 -30.22 -27.69 -4.38
C TYR C 31 -28.75 -27.76 -4.65
N THR C 32 -28.23 -26.71 -5.30
CA THR C 32 -26.81 -26.54 -5.58
C THR C 32 -26.18 -25.77 -4.42
N MET C 33 -25.04 -26.22 -3.90
CA MET C 33 -24.43 -25.47 -2.79
C MET C 33 -23.23 -24.68 -3.26
N ASN C 34 -23.03 -23.50 -2.66
CA ASN C 34 -21.96 -22.58 -3.04
C ASN C 34 -21.13 -22.17 -1.82
N TRP C 35 -19.83 -22.00 -2.01
CA TRP C 35 -19.01 -21.33 -0.99
C TRP C 35 -18.70 -19.88 -1.40
N VAL C 36 -18.85 -18.96 -0.44
CA VAL C 36 -18.69 -17.50 -0.66
C VAL C 36 -17.89 -16.96 0.49
N ARG C 37 -16.82 -16.19 0.23
CA ARG C 37 -16.14 -15.63 1.38
C ARG C 37 -16.07 -14.10 1.36
N GLN C 38 -15.66 -13.52 2.48
CA GLN C 38 -15.51 -12.08 2.51
C GLN C 38 -14.41 -11.69 3.49
N ALA C 39 -13.36 -11.07 2.98
CA ALA C 39 -12.26 -10.56 3.82
C ALA C 39 -12.79 -9.39 4.64
N PRO C 40 -12.20 -9.15 5.81
CA PRO C 40 -12.75 -8.03 6.62
C PRO C 40 -12.69 -6.69 5.87
N GLY C 41 -13.87 -6.06 5.78
CA GLY C 41 -14.04 -4.81 5.06
C GLY C 41 -14.04 -4.89 3.53
N LYS C 42 -14.04 -6.08 2.93
CA LYS C 42 -13.96 -6.19 1.45
C LYS C 42 -15.24 -6.82 0.87
N GLY C 43 -15.25 -7.11 -0.43
CA GLY C 43 -16.46 -7.57 -1.11
C GLY C 43 -16.70 -9.08 -1.02
N LEU C 44 -17.91 -9.54 -1.40
CA LEU C 44 -18.17 -10.96 -1.51
C LEU C 44 -17.40 -11.60 -2.67
N GLU C 45 -16.84 -12.79 -2.42
CA GLU C 45 -16.10 -13.52 -3.43
C GLU C 45 -16.68 -14.93 -3.49
N TRP C 46 -17.31 -15.24 -4.63
CA TRP C 46 -17.77 -16.61 -4.93
C TRP C 46 -16.55 -17.50 -5.20
N ILE C 47 -16.45 -18.56 -4.41
CA ILE C 47 -15.35 -19.49 -4.53
C ILE C 47 -15.64 -20.65 -5.49
N GLY C 48 -16.84 -21.20 -5.41
CA GLY C 48 -17.18 -22.33 -6.22
C GLY C 48 -18.48 -22.96 -5.75
N ASP C 49 -18.93 -23.97 -6.50
CA ASP C 49 -20.15 -24.63 -6.15
C ASP C 49 -20.12 -26.12 -6.47
N ILE C 50 -21.17 -26.79 -6.03
CA ILE C 50 -21.28 -28.19 -6.32
C ILE C 50 -22.73 -28.52 -6.69
N TYR C 51 -22.89 -29.04 -7.90
CA TYR C 51 -24.20 -29.26 -8.45
C TYR C 51 -24.85 -30.48 -7.83
N THR C 52 -26.13 -30.68 -8.11
CA THR C 52 -26.85 -31.80 -7.53
C THR C 52 -26.17 -33.11 -7.95
N ASP C 53 -25.72 -33.19 -9.20
CA ASP C 53 -25.09 -34.40 -9.71
C ASP C 53 -23.63 -34.56 -9.28
N GLY C 54 -23.12 -33.59 -8.50
CA GLY C 54 -21.79 -33.72 -7.94
C GLY C 54 -20.68 -33.01 -8.70
N ASN C 55 -20.96 -32.47 -9.89
CA ASN C 55 -19.96 -31.71 -10.64
C ASN C 55 -19.62 -30.48 -9.85
N THR C 56 -18.33 -30.13 -9.79
CA THR C 56 -17.92 -28.95 -9.04
C THR C 56 -17.33 -27.93 -10.00
N TYR C 57 -17.46 -26.66 -9.64
CA TYR C 57 -16.89 -25.57 -10.44
C TYR C 57 -16.24 -24.60 -9.47
N TYR C 58 -15.13 -23.99 -9.91
CA TYR C 58 -14.38 -23.05 -9.09
C TYR C 58 -14.17 -21.74 -9.84
N ALA C 59 -14.20 -20.64 -9.11
CA ALA C 59 -13.74 -19.38 -9.65
C ALA C 59 -12.33 -19.59 -10.26
N ASN C 60 -12.02 -18.91 -11.37
CA ASN C 60 -10.73 -19.05 -12.03
C ASN C 60 -9.55 -18.87 -11.05
N TRP C 61 -9.62 -17.85 -10.21
CA TRP C 61 -8.55 -17.66 -9.20
C TRP C 61 -8.48 -18.77 -8.16
N ALA C 62 -9.60 -19.47 -7.95
CA ALA C 62 -9.70 -20.47 -6.90
C ALA C 62 -9.34 -21.89 -7.33
N LYS C 63 -9.19 -22.12 -8.63
CA LYS C 63 -8.84 -23.44 -9.14
C LYS C 63 -7.49 -23.86 -8.58
N GLY C 64 -7.42 -25.05 -8.02
CA GLY C 64 -6.16 -25.52 -7.45
C GLY C 64 -5.92 -25.09 -6.01
N ARG C 65 -6.76 -24.21 -5.47
CA ARG C 65 -6.55 -23.65 -4.14
C ARG C 65 -7.60 -24.17 -3.13
N PHE C 66 -8.70 -24.70 -3.66
CA PHE C 66 -9.81 -25.19 -2.84
C PHE C 66 -10.38 -26.46 -3.43
N THR C 67 -10.96 -27.31 -2.59
CA THR C 67 -11.68 -28.46 -3.10
C THR C 67 -13.03 -28.53 -2.41
N ILE C 68 -14.09 -28.68 -3.20
CA ILE C 68 -15.43 -28.77 -2.63
C ILE C 68 -15.92 -30.18 -2.81
N SER C 69 -16.47 -30.77 -1.75
CA SER C 69 -17.08 -32.09 -1.84
C SER C 69 -18.36 -32.16 -1.01
N LYS C 70 -19.20 -33.17 -1.19
CA LYS C 70 -20.43 -33.25 -0.40
C LYS C 70 -20.81 -34.68 -0.04
N THR C 71 -21.65 -34.82 0.98
CA THR C 71 -22.34 -36.06 1.30
C THR C 71 -23.82 -35.76 1.23
N SER C 72 -24.68 -36.66 1.68
CA SER C 72 -26.12 -36.36 1.66
C SER C 72 -26.49 -35.18 2.57
N THR C 73 -25.70 -34.95 3.61
CA THR C 73 -26.06 -33.92 4.60
C THR C 73 -25.05 -32.78 4.77
N THR C 74 -23.86 -32.93 4.22
CA THR C 74 -22.83 -31.91 4.44
C THR C 74 -22.14 -31.50 3.16
N VAL C 75 -21.68 -30.26 3.11
CA VAL C 75 -20.76 -29.85 2.04
C VAL C 75 -19.49 -29.42 2.70
N ASP C 76 -18.35 -29.84 2.17
CA ASP C 76 -17.04 -29.42 2.70
C ASP C 76 -16.31 -28.46 1.77
N LEU C 77 -15.56 -27.53 2.34
CA LEU C 77 -14.62 -26.74 1.58
C LEU C 77 -13.22 -27.00 2.15
N LYS C 78 -12.31 -27.59 1.37
CA LYS C 78 -10.92 -27.75 1.84
C LYS C 78 -10.09 -26.58 1.31
N ILE C 79 -9.45 -25.84 2.21
CA ILE C 79 -8.52 -24.79 1.81
C ILE C 79 -7.15 -25.43 1.74
N THR C 80 -6.65 -25.60 0.52
CA THR C 80 -5.48 -26.46 0.31
C THR C 80 -4.23 -26.00 1.05
N SER C 81 -3.90 -24.71 0.91
CA SER C 81 -2.70 -24.17 1.51
C SER C 81 -2.84 -22.66 1.75
N PRO C 82 -3.46 -22.32 2.88
CA PRO C 82 -3.88 -20.95 3.25
C PRO C 82 -2.70 -20.00 3.38
N THR C 83 -2.89 -18.77 2.93
CA THR C 83 -1.95 -17.67 3.15
C THR C 83 -2.73 -16.67 4.03
N THR C 84 -2.07 -15.65 4.57
CA THR C 84 -2.79 -14.63 5.35
C THR C 84 -3.95 -14.01 4.55
N GLU C 85 -3.81 -13.92 3.23
CA GLU C 85 -4.84 -13.33 2.40
C GLU C 85 -6.15 -14.16 2.32
N ASP C 86 -6.10 -15.41 2.78
CA ASP C 86 -7.33 -16.22 2.91
C ASP C 86 -8.08 -15.98 4.23
N THR C 87 -7.61 -15.05 5.04
CA THR C 87 -8.38 -14.65 6.24
C THR C 87 -9.71 -14.05 5.77
N ALA C 88 -10.84 -14.54 6.30
CA ALA C 88 -12.18 -14.16 5.83
C ALA C 88 -13.27 -14.89 6.59
N THR C 89 -14.49 -14.37 6.52
CA THR C 89 -15.64 -15.18 6.87
C THR C 89 -16.06 -15.97 5.65
N TYR C 90 -16.28 -17.26 5.83
CA TYR C 90 -16.66 -18.16 4.73
C TYR C 90 -18.13 -18.58 4.94
N PHE C 91 -18.94 -18.38 3.90
CA PHE C 91 -20.37 -18.64 3.99
C PHE C 91 -20.68 -19.76 3.04
N CYS C 92 -21.64 -20.59 3.38
CA CYS C 92 -22.18 -21.52 2.40
CA CYS C 92 -22.18 -21.52 2.41
C CYS C 92 -23.61 -21.10 2.09
N ALA C 93 -24.04 -21.28 0.86
CA ALA C 93 -25.36 -20.79 0.46
C ALA C 93 -25.91 -21.67 -0.65
N ARG C 94 -27.23 -21.91 -0.63
CA ARG C 94 -27.83 -22.82 -1.60
C ARG C 94 -28.46 -21.97 -2.68
N ASP C 95 -28.41 -22.45 -3.93
CA ASP C 95 -29.22 -21.84 -4.98
C ASP C 95 -29.93 -22.90 -5.83
N SER C 96 -30.74 -22.43 -6.77
CA SER C 96 -31.63 -23.28 -7.58
C SER C 96 -32.12 -22.42 -8.72
N TRP C 97 -32.62 -23.08 -9.76
CA TRP C 97 -33.14 -22.37 -10.93
C TRP C 97 -33.98 -23.32 -11.78
N ASP C 98 -34.72 -22.78 -12.74
CA ASP C 98 -35.31 -23.68 -13.71
C ASP C 98 -34.89 -23.16 -15.07
N ALA C 99 -35.63 -23.52 -16.11
CA ALA C 99 -35.26 -23.10 -17.46
C ALA C 99 -35.51 -21.62 -17.75
N SER C 100 -36.09 -20.87 -16.82
CA SER C 100 -36.31 -19.44 -17.08
C SER C 100 -35.77 -18.52 -16.00
N SER C 101 -35.90 -18.96 -14.76
CA SER C 101 -35.67 -18.14 -13.58
C SER C 101 -34.47 -18.64 -12.79
N TYR C 102 -33.53 -17.75 -12.47
CA TYR C 102 -32.56 -18.00 -11.39
C TYR C 102 -33.22 -17.62 -10.06
N TYR C 103 -33.28 -18.55 -9.10
CA TYR C 103 -33.99 -18.28 -7.84
C TYR C 103 -33.09 -17.66 -6.76
N GLY C 104 -31.80 -17.53 -7.05
CA GLY C 104 -30.87 -16.88 -6.14
C GLY C 104 -30.30 -17.71 -4.99
N LEU C 105 -29.33 -17.11 -4.29
CA LEU C 105 -28.74 -17.68 -3.10
C LEU C 105 -29.69 -17.31 -1.97
N ASP C 106 -30.69 -18.17 -1.71
CA ASP C 106 -31.76 -17.73 -0.82
C ASP C 106 -31.47 -18.01 0.65
N LEU C 107 -30.65 -19.02 0.92
CA LEU C 107 -30.44 -19.47 2.28
C LEU C 107 -28.93 -19.51 2.54
N TRP C 108 -28.49 -18.73 3.53
CA TRP C 108 -27.08 -18.53 3.81
C TRP C 108 -26.82 -18.96 5.24
N GLY C 109 -25.64 -19.45 5.56
CA GLY C 109 -25.31 -19.71 6.96
C GLY C 109 -24.93 -18.38 7.59
N GLN C 110 -24.62 -18.38 8.88
CA GLN C 110 -24.13 -17.15 9.52
C GLN C 110 -22.62 -16.91 9.22
N GLY C 111 -21.96 -17.91 8.65
CA GLY C 111 -20.55 -17.76 8.27
C GLY C 111 -19.63 -18.33 9.35
N THR C 112 -18.42 -18.70 8.96
CA THR C 112 -17.43 -19.15 9.90
C THR C 112 -16.12 -18.38 9.56
N LEU C 113 -15.45 -17.86 10.60
CA LEU C 113 -14.29 -16.99 10.41
C LEU C 113 -13.01 -17.80 10.36
N VAL C 114 -12.25 -17.66 9.28
CA VAL C 114 -10.93 -18.26 9.23
C VAL C 114 -9.91 -17.15 9.41
N THR C 115 -9.00 -17.31 10.37
CA THR C 115 -7.90 -16.38 10.55
C THR C 115 -6.57 -17.05 10.25
N VAL C 116 -5.85 -16.58 9.23
CA VAL C 116 -4.59 -17.25 8.91
C VAL C 116 -3.47 -16.32 9.35
N SER C 117 -2.63 -16.75 10.30
CA SER C 117 -1.65 -15.84 10.88
C SER C 117 -0.55 -16.65 11.52
N SER C 118 0.63 -16.07 11.64
CA SER C 118 1.65 -16.75 12.43
C SER C 118 1.48 -16.38 13.91
N GLY C 119 0.52 -15.52 14.19
CA GLY C 119 0.37 -15.02 15.55
C GLY C 119 -0.28 -16.03 16.48
N GLN C 120 0.16 -16.06 17.73
CA GLN C 120 -0.42 -16.92 18.77
C GLN C 120 -1.74 -16.35 19.31
N PRO C 121 -2.70 -17.23 19.63
CA PRO C 121 -3.95 -16.68 20.21
C PRO C 121 -3.67 -15.97 21.51
N LYS C 122 -4.48 -14.97 21.83
CA LYS C 122 -4.31 -14.22 23.06
C LYS C 122 -5.69 -13.79 23.56
N GLY C 123 -5.95 -14.06 24.83
CA GLY C 123 -7.26 -13.73 25.38
C GLY C 123 -7.31 -12.25 25.75
N PRO C 124 -8.51 -11.73 25.90
CA PRO C 124 -8.70 -10.29 26.12
C PRO C 124 -8.41 -9.82 27.55
N SER C 125 -7.97 -8.57 27.69
CA SER C 125 -8.05 -7.86 28.98
C SER C 125 -9.31 -7.01 28.96
N VAL C 126 -10.02 -6.91 30.10
CA VAL C 126 -11.22 -6.09 30.15
C VAL C 126 -11.06 -5.02 31.23
N PHE C 127 -11.30 -3.77 30.83
CA PHE C 127 -11.21 -2.62 31.73
C PHE C 127 -12.55 -1.88 31.80
N PRO C 128 -12.94 -1.41 32.99
CA PRO C 128 -14.17 -0.64 33.08
C PRO C 128 -14.04 0.76 32.48
N LEU C 129 -15.16 1.30 32.03
CA LEU C 129 -15.22 2.67 31.56
C LEU C 129 -16.27 3.35 32.44
N ALA C 130 -15.88 4.43 33.11
CA ALA C 130 -16.81 5.15 33.96
C ALA C 130 -16.37 6.62 34.00
N PRO C 131 -17.32 7.55 34.23
CA PRO C 131 -16.97 8.98 34.21
C PRO C 131 -15.95 9.33 35.30
N CYS C 132 -15.05 10.28 35.02
CA CYS C 132 -14.14 10.80 36.05
C CYS C 132 -14.88 11.51 37.19
N THR C 140 -28.97 9.96 35.15
CA THR C 140 -28.49 8.80 34.39
C THR C 140 -26.99 8.85 34.05
N VAL C 141 -26.36 7.68 33.90
CA VAL C 141 -24.92 7.62 33.72
C VAL C 141 -24.54 6.61 32.64
N THR C 142 -23.48 6.91 31.90
CA THR C 142 -23.01 5.95 30.92
C THR C 142 -21.76 5.23 31.41
N LEU C 143 -21.84 3.90 31.43
CA LEU C 143 -20.72 3.07 31.84
C LEU C 143 -20.40 2.13 30.70
N GLY C 144 -19.25 1.48 30.77
CA GLY C 144 -18.88 0.57 29.72
C GLY C 144 -17.71 -0.33 30.04
N CYS C 145 -17.30 -1.09 29.04
N CYS C 145 -17.28 -1.11 29.06
CA CYS C 145 -16.13 -1.93 29.15
CA CYS C 145 -16.07 -1.90 29.22
C CYS C 145 -15.26 -1.74 27.92
C CYS C 145 -15.25 -1.92 27.94
N LEU C 146 -13.94 -1.72 28.11
CA LEU C 146 -13.00 -1.74 27.02
C LEU C 146 -12.35 -3.14 26.99
N VAL C 147 -12.48 -3.83 25.86
CA VAL C 147 -11.91 -5.16 25.71
C VAL C 147 -10.66 -5.01 24.86
N LYS C 148 -9.49 -5.29 25.40
CA LYS C 148 -8.25 -4.95 24.70
C LYS C 148 -7.40 -6.15 24.46
N GLY C 149 -6.74 -6.19 23.31
CA GLY C 149 -5.60 -7.08 23.13
C GLY C 149 -5.83 -8.54 22.83
N TYR C 150 -6.89 -8.86 22.09
CA TYR C 150 -7.21 -10.25 21.80
C TYR C 150 -6.96 -10.66 20.34
N LEU C 151 -6.76 -11.97 20.16
CA LEU C 151 -6.57 -12.60 18.84
C LEU C 151 -6.92 -14.09 18.95
N PRO C 152 -7.67 -14.64 17.97
CA PRO C 152 -8.28 -13.96 16.82
C PRO C 152 -9.60 -13.32 17.21
N GLU C 153 -10.23 -12.64 16.25
CA GLU C 153 -11.63 -12.27 16.42
C GLU C 153 -12.48 -13.55 16.40
N PRO C 154 -13.70 -13.49 16.93
CA PRO C 154 -14.32 -12.32 17.55
C PRO C 154 -14.39 -12.45 19.08
N VAL C 155 -14.74 -11.36 19.78
CA VAL C 155 -15.25 -11.47 21.15
C VAL C 155 -16.72 -11.05 21.07
N THR C 156 -17.58 -11.58 21.94
CA THR C 156 -18.95 -11.10 22.02
C THR C 156 -19.15 -10.47 23.40
N VAL C 157 -19.94 -9.41 23.47
CA VAL C 157 -20.15 -8.76 24.75
C VAL C 157 -21.62 -8.72 25.06
N THR C 158 -22.02 -9.11 26.26
CA THR C 158 -23.37 -8.78 26.74
C THR C 158 -23.33 -8.05 28.08
N TRP C 159 -24.46 -7.49 28.47
CA TRP C 159 -24.55 -6.83 29.75
C TRP C 159 -25.56 -7.55 30.64
N ASN C 160 -25.18 -7.83 31.88
CA ASN C 160 -26.02 -8.56 32.82
C ASN C 160 -26.54 -9.87 32.26
N SER C 161 -25.62 -10.67 31.73
CA SER C 161 -25.92 -11.95 31.11
C SER C 161 -26.95 -11.89 29.98
N GLY C 162 -27.15 -10.70 29.42
CA GLY C 162 -28.07 -10.53 28.30
C GLY C 162 -29.38 -9.85 28.67
N THR C 163 -29.67 -9.78 29.97
CA THR C 163 -30.91 -9.19 30.45
C THR C 163 -30.92 -7.66 30.37
N LEU C 164 -29.78 -7.06 30.06
CA LEU C 164 -29.72 -5.61 29.90
C LEU C 164 -29.35 -5.27 28.46
N THR C 165 -30.34 -4.80 27.71
CA THR C 165 -30.18 -4.56 26.28
C THR C 165 -30.46 -3.12 25.88
N ASN C 166 -31.40 -2.49 26.59
CA ASN C 166 -31.77 -1.13 26.27
C ASN C 166 -30.66 -0.16 26.67
N GLY C 167 -30.32 0.75 25.78
CA GLY C 167 -29.31 1.74 26.07
C GLY C 167 -27.89 1.27 25.78
N VAL C 168 -27.76 0.02 25.31
CA VAL C 168 -26.46 -0.59 24.97
C VAL C 168 -26.00 -0.20 23.57
N ARG C 169 -24.78 0.32 23.49
CA ARG C 169 -24.13 0.56 22.21
C ARG C 169 -22.80 -0.18 22.22
N THR C 170 -22.65 -1.15 21.31
CA THR C 170 -21.41 -1.92 21.18
C THR C 170 -20.76 -1.57 19.86
N PHE C 171 -19.46 -1.24 19.90
CA PHE C 171 -18.78 -0.74 18.70
C PHE C 171 -18.04 -1.85 17.94
N PRO C 172 -17.95 -1.72 16.60
CA PRO C 172 -17.17 -2.68 15.83
C PRO C 172 -15.76 -2.68 16.37
N SER C 173 -15.08 -3.82 16.26
CA SER C 173 -13.75 -4.02 16.80
C SER C 173 -12.78 -3.23 15.97
N VAL C 174 -11.61 -2.97 16.51
CA VAL C 174 -10.59 -2.29 15.75
C VAL C 174 -9.29 -3.03 15.94
N ARG C 175 -8.59 -3.26 14.84
CA ARG C 175 -7.24 -3.82 14.89
C ARG C 175 -6.29 -2.77 15.45
N GLN C 176 -5.60 -3.08 16.54
CA GLN C 176 -4.59 -2.17 17.07
C GLN C 176 -3.37 -2.23 16.13
N SER C 177 -2.46 -1.28 16.33
CA SER C 177 -1.24 -1.24 15.52
C SER C 177 -0.53 -2.58 15.63
N SER C 178 -0.61 -3.20 16.82
CA SER C 178 0.14 -4.42 17.14
C SER C 178 -0.44 -5.61 16.42
N GLY C 179 -1.63 -5.45 15.85
CA GLY C 179 -2.31 -6.55 15.21
C GLY C 179 -3.34 -7.23 16.12
N LEU C 180 -3.30 -6.95 17.42
CA LEU C 180 -4.32 -7.48 18.33
C LEU C 180 -5.61 -6.65 18.22
N TYR C 181 -6.75 -7.17 18.68
CA TYR C 181 -8.00 -6.43 18.52
C TYR C 181 -8.54 -5.82 19.82
N SER C 182 -9.29 -4.73 19.69
CA SER C 182 -9.99 -4.07 20.78
C SER C 182 -11.43 -3.89 20.40
N LEU C 183 -12.30 -3.76 21.40
CA LEU C 183 -13.70 -3.55 21.18
C LEU C 183 -14.21 -2.87 22.45
N SER C 184 -15.07 -1.87 22.33
CA SER C 184 -15.67 -1.25 23.51
C SER C 184 -17.18 -1.35 23.41
N SER C 185 -17.85 -1.29 24.55
CA SER C 185 -19.31 -1.30 24.60
C SER C 185 -19.67 -0.44 25.80
N VAL C 186 -20.69 0.42 25.64
CA VAL C 186 -21.16 1.26 26.75
C VAL C 186 -22.66 1.10 26.90
N VAL C 187 -23.14 1.38 28.12
CA VAL C 187 -24.57 1.37 28.43
C VAL C 187 -24.89 2.61 29.25
N SER C 188 -26.03 3.22 28.95
CA SER C 188 -26.51 4.30 29.80
C SER C 188 -27.58 3.73 30.75
N VAL C 189 -27.43 4.00 32.04
CA VAL C 189 -28.37 3.56 33.07
C VAL C 189 -28.69 4.64 34.12
N THR C 190 -29.54 4.32 35.10
CA THR C 190 -29.84 5.24 36.20
C THR C 190 -28.85 5.09 37.37
N PRO C 195 -25.85 -1.33 39.20
CA PRO C 195 -24.83 -2.37 39.38
C PRO C 195 -24.65 -3.25 38.11
N VAL C 196 -23.92 -2.76 37.10
CA VAL C 196 -23.88 -3.45 35.79
C VAL C 196 -22.62 -4.27 35.49
N THR C 197 -22.84 -5.42 34.87
CA THR C 197 -21.76 -6.35 34.57
C THR C 197 -21.65 -6.60 33.09
N CYS C 198 -20.48 -6.30 32.52
N CYS C 198 -20.46 -6.39 32.56
CA CYS C 198 -20.26 -6.68 31.14
CA CYS C 198 -20.17 -6.65 31.18
C CYS C 198 -19.77 -8.12 31.13
C CYS C 198 -19.64 -8.10 31.03
N ASN C 199 -20.26 -8.88 30.15
CA ASN C 199 -19.84 -10.28 29.96
C ASN C 199 -19.13 -10.41 28.63
N VAL C 200 -17.84 -10.77 28.67
CA VAL C 200 -17.03 -10.81 27.44
C VAL C 200 -16.65 -12.23 27.11
N ALA C 201 -17.08 -12.73 25.95
CA ALA C 201 -16.74 -14.12 25.57
C ALA C 201 -15.67 -14.16 24.48
N HIS C 202 -14.62 -14.96 24.66
CA HIS C 202 -13.64 -15.16 23.60
C HIS C 202 -13.49 -16.66 23.34
N PRO C 203 -14.41 -17.23 22.55
CA PRO C 203 -14.43 -18.68 22.31
C PRO C 203 -13.09 -19.22 21.84
N ALA C 204 -12.32 -18.44 21.09
CA ALA C 204 -11.07 -18.93 20.53
C ALA C 204 -10.07 -19.36 21.61
N THR C 205 -10.12 -18.73 22.77
CA THR C 205 -9.20 -19.10 23.84
C THR C 205 -9.96 -19.71 24.99
N ASN C 206 -11.20 -20.11 24.69
CA ASN C 206 -12.05 -20.77 25.66
C ASN C 206 -12.18 -19.94 26.94
N THR C 207 -12.35 -18.63 26.78
CA THR C 207 -12.36 -17.69 27.89
C THR C 207 -13.65 -16.90 28.01
N LYS C 208 -14.09 -16.68 29.23
CA LYS C 208 -15.11 -15.66 29.43
C LYS C 208 -14.66 -14.78 30.59
N VAL C 209 -14.90 -13.47 30.50
CA VAL C 209 -14.57 -12.55 31.59
C VAL C 209 -15.81 -11.76 31.94
N ASP C 210 -16.14 -11.68 33.23
CA ASP C 210 -17.15 -10.74 33.71
C ASP C 210 -16.50 -9.58 34.43
N LYS C 211 -16.92 -8.36 34.10
CA LYS C 211 -16.44 -7.20 34.80
C LYS C 211 -17.62 -6.34 35.27
N THR C 212 -17.74 -6.11 36.57
CA THR C 212 -18.81 -5.26 37.09
C THR C 212 -18.31 -3.84 37.22
N VAL C 213 -19.06 -2.90 36.68
CA VAL C 213 -18.62 -1.51 36.61
C VAL C 213 -19.41 -0.62 37.56
N ALA C 214 -18.68 0.27 38.24
CA ALA C 214 -19.25 1.28 39.13
C ALA C 214 -18.46 2.57 38.94
N PRO C 215 -19.09 3.75 39.15
CA PRO C 215 -20.45 3.98 39.65
C PRO C 215 -21.53 3.67 38.61
N ALA D 1 -13.27 -14.98 -17.18
CA ALA D 1 -13.69 -14.09 -18.26
C ALA D 1 -15.16 -13.62 -18.16
N ILE D 2 -16.09 -14.45 -17.66
CA ILE D 2 -17.39 -13.85 -17.37
C ILE D 2 -17.32 -12.95 -16.11
N LYS D 3 -17.58 -11.66 -16.29
CA LYS D 3 -17.35 -10.65 -15.27
C LYS D 3 -18.58 -9.77 -15.02
N MET D 4 -18.76 -9.34 -13.78
CA MET D 4 -19.83 -8.42 -13.42
C MET D 4 -19.19 -7.09 -13.01
N THR D 5 -19.63 -5.98 -13.58
CA THR D 5 -19.08 -4.68 -13.24
C THR D 5 -20.18 -3.85 -12.61
N GLN D 6 -20.06 -3.60 -11.32
CA GLN D 6 -21.11 -2.90 -10.62
C GLN D 6 -20.66 -1.48 -10.35
N THR D 7 -21.51 -0.51 -10.69
CA THR D 7 -21.19 0.90 -10.45
C THR D 7 -22.42 1.59 -9.93
N PRO D 8 -22.26 2.66 -9.13
CA PRO D 8 -20.98 3.19 -8.64
C PRO D 8 -20.53 2.41 -7.43
N SER D 9 -19.34 2.68 -6.90
CA SER D 9 -18.86 1.90 -5.77
C SER D 9 -19.50 2.41 -4.47
N SER D 10 -19.94 3.67 -4.50
CA SER D 10 -20.59 4.26 -3.36
C SER D 10 -21.65 5.27 -3.78
N VAL D 11 -22.69 5.45 -2.97
CA VAL D 11 -23.69 6.46 -3.26
C VAL D 11 -24.38 6.95 -1.98
N SER D 12 -24.76 8.23 -1.97
CA SER D 12 -25.55 8.75 -0.86
C SER D 12 -26.89 9.26 -1.37
N ALA D 13 -27.91 9.23 -0.53
CA ALA D 13 -29.19 9.84 -0.86
C ALA D 13 -29.94 10.25 0.41
N ALA D 14 -30.81 11.25 0.30
CA ALA D 14 -31.61 11.68 1.44
C ALA D 14 -32.82 10.78 1.59
N VAL D 15 -33.38 10.70 2.81
CA VAL D 15 -34.64 10.00 3.05
C VAL D 15 -35.68 10.44 2.02
N GLY D 16 -36.40 9.47 1.47
CA GLY D 16 -37.38 9.72 0.43
C GLY D 16 -36.83 9.75 -0.99
N GLY D 17 -35.52 9.97 -1.14
CA GLY D 17 -34.90 10.02 -2.45
C GLY D 17 -34.86 8.67 -3.17
N THR D 18 -34.04 8.56 -4.21
CA THR D 18 -33.91 7.31 -4.95
C THR D 18 -32.45 6.98 -5.31
N VAL D 19 -32.09 5.72 -5.10
CA VAL D 19 -30.76 5.22 -5.40
C VAL D 19 -30.86 4.30 -6.61
N THR D 20 -29.93 4.47 -7.55
CA THR D 20 -29.86 3.63 -8.72
C THR D 20 -28.51 2.93 -8.75
N ILE D 21 -28.53 1.60 -8.84
CA ILE D 21 -27.28 0.85 -8.95
C ILE D 21 -27.27 0.08 -10.28
N ASN D 22 -26.16 0.14 -11.00
CA ASN D 22 -26.04 -0.54 -12.30
C ASN D 22 -25.10 -1.72 -12.28
N CYS D 23 -25.45 -2.73 -13.06
CA CYS D 23 -24.67 -3.95 -13.15
C CYS D 23 -24.51 -4.27 -14.61
N GLN D 24 -23.27 -4.42 -15.06
CA GLN D 24 -23.04 -4.81 -16.44
C GLN D 24 -22.36 -6.17 -16.51
N ALA D 25 -22.92 -7.09 -17.27
CA ALA D 25 -22.34 -8.41 -17.41
C ALA D 25 -21.56 -8.43 -18.70
N SER D 26 -20.45 -9.17 -18.72
CA SER D 26 -19.60 -9.17 -19.90
C SER D 26 -20.12 -10.08 -21.01
N GLU D 27 -21.21 -10.83 -20.76
CA GLU D 27 -21.93 -11.59 -21.81
C GLU D 27 -23.44 -11.55 -21.52
N ASP D 28 -24.26 -11.99 -22.47
CA ASP D 28 -25.69 -12.11 -22.22
C ASP D 28 -25.94 -13.13 -21.09
N ILE D 29 -26.55 -12.70 -19.98
CA ILE D 29 -26.85 -13.63 -18.88
C ILE D 29 -28.35 -13.90 -18.74
N LYS D 30 -29.11 -13.42 -19.73
CA LYS D 30 -30.51 -13.82 -19.91
C LYS D 30 -31.33 -13.71 -18.64
N ARG D 31 -31.07 -12.65 -17.88
CA ARG D 31 -31.81 -12.36 -16.66
C ARG D 31 -31.51 -13.33 -15.53
N TYR D 32 -30.45 -14.12 -15.64
CA TYR D 32 -30.06 -14.99 -14.53
C TYR D 32 -29.27 -14.18 -13.53
N LEU D 33 -29.98 -13.34 -12.77
CA LEU D 33 -29.29 -12.37 -11.93
C LEU D 33 -30.05 -12.14 -10.64
N ALA D 34 -29.32 -11.94 -9.55
CA ALA D 34 -29.92 -11.62 -8.28
C ALA D 34 -29.28 -10.36 -7.67
N TRP D 35 -30.03 -9.68 -6.81
CA TRP D 35 -29.50 -8.56 -6.06
C TRP D 35 -29.52 -8.89 -4.56
N TYR D 36 -28.45 -8.52 -3.85
CA TYR D 36 -28.41 -8.75 -2.39
C TYR D 36 -28.16 -7.49 -1.58
N GLN D 37 -28.71 -7.49 -0.37
CA GLN D 37 -28.42 -6.44 0.60
C GLN D 37 -27.62 -7.03 1.75
N GLN D 38 -26.52 -6.36 2.12
CA GLN D 38 -25.72 -6.84 3.25
C GLN D 38 -25.45 -5.74 4.29
N LYS D 39 -25.75 -6.01 5.54
CA LYS D 39 -25.45 -5.06 6.63
C LYS D 39 -24.31 -5.60 7.48
N PRO D 40 -23.58 -4.72 8.17
CA PRO D 40 -22.38 -5.20 8.89
C PRO D 40 -22.71 -6.37 9.82
N GLY D 41 -21.91 -7.42 9.75
CA GLY D 41 -22.01 -8.55 10.67
C GLY D 41 -23.06 -9.58 10.32
N GLN D 42 -23.75 -9.38 9.20
CA GLN D 42 -24.78 -10.34 8.78
C GLN D 42 -24.44 -10.97 7.43
N PRO D 43 -24.99 -12.15 7.15
CA PRO D 43 -24.86 -12.63 5.77
C PRO D 43 -25.67 -11.74 4.85
N PRO D 44 -25.42 -11.80 3.54
CA PRO D 44 -26.25 -11.07 2.59
C PRO D 44 -27.67 -11.59 2.65
N LYS D 45 -28.63 -10.76 2.26
CA LYS D 45 -30.04 -11.14 2.19
C LYS D 45 -30.50 -10.98 0.73
N LEU D 46 -31.15 -12.00 0.16
CA LEU D 46 -31.61 -11.94 -1.23
C LEU D 46 -32.73 -10.92 -1.34
N LEU D 47 -32.62 -9.93 -2.23
CA LEU D 47 -33.68 -8.94 -2.41
C LEU D 47 -34.48 -9.28 -3.65
N ILE D 48 -33.77 -9.61 -4.72
CA ILE D 48 -34.36 -9.80 -6.04
C ILE D 48 -33.77 -10.99 -6.75
N TYR D 49 -34.60 -11.83 -7.37
CA TYR D 49 -34.12 -12.96 -8.13
C TYR D 49 -34.73 -12.85 -9.51
N ALA D 50 -34.22 -13.66 -10.43
CA ALA D 50 -34.67 -13.63 -11.83
C ALA D 50 -34.73 -12.23 -12.38
N ALA D 51 -33.73 -11.41 -12.02
CA ALA D 51 -33.54 -10.02 -12.48
C ALA D 51 -34.54 -8.96 -11.97
N SER D 52 -35.79 -9.36 -11.74
CA SER D 52 -36.85 -8.39 -11.47
C SER D 52 -37.89 -8.85 -10.44
N LYS D 53 -37.73 -10.06 -9.91
CA LYS D 53 -38.69 -10.64 -8.97
C LYS D 53 -38.33 -10.44 -7.49
N LEU D 54 -39.30 -9.96 -6.74
CA LEU D 54 -39.13 -9.60 -5.35
C LEU D 54 -39.16 -10.84 -4.44
N ALA D 55 -38.10 -11.09 -3.69
CA ALA D 55 -38.12 -12.18 -2.71
C ALA D 55 -39.18 -11.88 -1.65
N SER D 56 -39.70 -12.92 -0.99
CA SER D 56 -40.79 -12.68 -0.06
C SER D 56 -40.35 -11.85 1.14
N GLY D 57 -41.17 -10.87 1.49
CA GLY D 57 -40.92 -10.04 2.65
C GLY D 57 -40.08 -8.83 2.29
N VAL D 58 -39.58 -8.81 1.07
CA VAL D 58 -38.80 -7.67 0.59
C VAL D 58 -39.73 -6.55 0.13
N SER D 59 -39.46 -5.34 0.60
CA SER D 59 -40.26 -4.16 0.27
C SER D 59 -40.28 -3.82 -1.23
N SER D 60 -41.45 -3.47 -1.74
CA SER D 60 -41.59 -3.09 -3.14
C SER D 60 -40.90 -1.77 -3.50
N ARG D 61 -40.30 -1.10 -2.53
CA ARG D 61 -39.44 0.05 -2.80
C ARG D 61 -38.21 -0.36 -3.63
N PHE D 62 -37.95 -1.66 -3.68
CA PHE D 62 -36.81 -2.20 -4.43
C PHE D 62 -37.27 -2.72 -5.78
N LYS D 63 -36.77 -2.11 -6.84
CA LYS D 63 -37.11 -2.55 -8.18
C LYS D 63 -35.86 -3.02 -8.91
N GLY D 64 -35.89 -4.23 -9.44
CA GLY D 64 -34.81 -4.67 -10.30
C GLY D 64 -35.28 -4.67 -11.73
N SER D 65 -34.44 -4.22 -12.64
CA SER D 65 -34.80 -4.24 -14.06
C SER D 65 -33.60 -4.62 -14.92
N GLY D 66 -33.86 -4.85 -16.20
CA GLY D 66 -32.80 -5.10 -17.16
C GLY D 66 -32.98 -6.41 -17.90
N SER D 67 -32.06 -6.67 -18.83
CA SER D 67 -32.09 -7.83 -19.69
C SER D 67 -30.76 -7.81 -20.43
N GLY D 68 -30.39 -8.90 -21.10
CA GLY D 68 -29.13 -8.97 -21.83
C GLY D 68 -27.91 -8.82 -20.93
N THR D 69 -27.20 -7.71 -21.08
CA THR D 69 -25.98 -7.49 -20.34
C THR D 69 -26.06 -6.33 -19.36
N GLU D 70 -27.19 -5.63 -19.32
CA GLU D 70 -27.28 -4.51 -18.38
C GLU D 70 -28.48 -4.54 -17.44
N TYR D 71 -28.18 -4.36 -16.16
CA TYR D 71 -29.14 -4.54 -15.10
C TYR D 71 -29.11 -3.39 -14.08
N THR D 72 -30.27 -3.13 -13.49
CA THR D 72 -30.42 -2.02 -12.56
C THR D 72 -31.24 -2.36 -11.32
N LEU D 73 -30.73 -1.99 -10.17
CA LEU D 73 -31.50 -1.95 -8.93
C LEU D 73 -31.84 -0.49 -8.60
N THR D 74 -33.13 -0.20 -8.43
CA THR D 74 -33.55 1.13 -7.98
C THR D 74 -34.25 1.03 -6.63
N ILE D 75 -33.81 1.85 -5.68
CA ILE D 75 -34.47 1.92 -4.39
C ILE D 75 -35.19 3.25 -4.33
N SER D 76 -36.51 3.22 -4.29
CA SER D 76 -37.31 4.44 -4.24
C SER D 76 -37.81 4.67 -2.82
N GLY D 77 -38.10 5.92 -2.48
CA GLY D 77 -38.51 6.27 -1.12
C GLY D 77 -37.53 5.72 -0.10
N VAL D 78 -36.28 6.12 -0.22
CA VAL D 78 -35.22 5.51 0.56
C VAL D 78 -35.38 5.76 2.06
N GLN D 79 -35.28 4.69 2.86
CA GLN D 79 -35.37 4.80 4.31
C GLN D 79 -34.01 4.66 4.97
N CYS D 80 -33.98 4.83 6.29
CA CYS D 80 -32.74 4.72 7.04
C CYS D 80 -32.26 3.28 7.07
N ASP D 81 -33.20 2.35 7.10
CA ASP D 81 -32.85 0.93 7.16
C ASP D 81 -32.42 0.37 5.79
N ASP D 82 -32.22 1.25 4.81
CA ASP D 82 -31.68 0.83 3.52
C ASP D 82 -30.18 1.08 3.42
N ALA D 83 -29.62 1.81 4.38
CA ALA D 83 -28.18 1.98 4.46
C ALA D 83 -27.57 0.59 4.55
N ALA D 84 -26.86 0.20 3.49
CA ALA D 84 -26.18 -1.10 3.45
C ALA D 84 -25.22 -1.13 2.28
N THR D 85 -24.60 -2.29 2.07
CA THR D 85 -23.87 -2.56 0.85
C THR D 85 -24.72 -3.48 -0.03
N TYR D 86 -24.87 -3.13 -1.30
CA TYR D 86 -25.67 -3.92 -2.24
C TYR D 86 -24.74 -4.63 -3.21
N TYR D 87 -25.11 -5.86 -3.62
CA TYR D 87 -24.33 -6.62 -4.59
C TYR D 87 -25.26 -7.21 -5.64
N CYS D 88 -24.79 -7.20 -6.87
CA CYS D 88 -25.42 -8.00 -7.92
C CYS D 88 -24.65 -9.33 -8.02
N GLN D 89 -25.28 -10.37 -8.58
CA GLN D 89 -24.62 -11.65 -8.78
C GLN D 89 -25.25 -12.33 -9.97
N GLN D 90 -24.43 -12.82 -10.88
CA GLN D 90 -24.96 -13.59 -12.00
C GLN D 90 -25.07 -15.07 -11.64
N GLY D 91 -26.22 -15.66 -11.96
CA GLY D 91 -26.42 -17.10 -11.74
C GLY D 91 -26.55 -17.84 -13.06
N TYR D 92 -25.89 -17.32 -14.10
CA TYR D 92 -26.04 -17.84 -15.44
C TYR D 92 -25.05 -18.98 -15.69
N THR D 93 -23.81 -18.81 -15.24
CA THR D 93 -22.86 -19.89 -15.42
C THR D 93 -21.91 -20.02 -14.22
N SER D 94 -21.36 -21.20 -14.04
CA SER D 94 -20.34 -21.46 -13.03
C SER D 94 -18.98 -21.69 -13.66
N SER D 95 -18.92 -21.65 -14.98
CA SER D 95 -17.68 -21.95 -15.68
C SER D 95 -17.03 -20.68 -16.21
N ASN D 96 -15.70 -20.69 -16.18
CA ASN D 96 -14.86 -19.57 -16.60
C ASN D 96 -15.29 -18.27 -15.92
N VAL D 97 -15.49 -18.35 -14.60
CA VAL D 97 -15.96 -17.21 -13.84
C VAL D 97 -14.83 -16.69 -12.97
N ASN D 98 -14.61 -15.38 -12.95
CA ASN D 98 -13.71 -14.83 -11.93
C ASN D 98 -14.39 -14.42 -10.64
N ASN D 99 -15.42 -13.58 -10.71
CA ASN D 99 -16.30 -13.43 -9.53
C ASN D 99 -17.70 -13.37 -10.03
N ALA D 100 -18.60 -14.12 -9.40
CA ALA D 100 -20.00 -14.11 -9.79
C ALA D 100 -20.67 -12.85 -9.24
N PHE D 101 -20.11 -12.28 -8.17
CA PHE D 101 -20.65 -11.05 -7.59
C PHE D 101 -20.03 -9.79 -8.18
N GLY D 102 -20.83 -8.74 -8.31
CA GLY D 102 -20.28 -7.42 -8.56
C GLY D 102 -19.48 -6.94 -7.36
N GLY D 103 -18.79 -5.82 -7.56
CA GLY D 103 -17.87 -5.34 -6.52
C GLY D 103 -18.53 -4.73 -5.32
N GLY D 104 -19.84 -4.49 -5.39
CA GLY D 104 -20.56 -3.90 -4.27
C GLY D 104 -20.77 -2.41 -4.40
N THR D 105 -21.83 -1.90 -3.77
CA THR D 105 -22.06 -0.46 -3.69
C THR D 105 -22.52 -0.10 -2.29
N GLU D 106 -21.81 0.82 -1.66
CA GLU D 106 -22.17 1.28 -0.33
C GLU D 106 -23.22 2.37 -0.43
N VAL D 107 -24.33 2.20 0.28
CA VAL D 107 -25.37 3.21 0.25
C VAL D 107 -25.41 3.90 1.59
N VAL D 108 -25.16 5.22 1.59
CA VAL D 108 -25.37 6.00 2.82
C VAL D 108 -26.62 6.84 2.69
N VAL D 109 -27.38 6.90 3.78
CA VAL D 109 -28.68 7.55 3.75
C VAL D 109 -28.66 8.78 4.64
N LYS D 110 -29.05 9.91 4.06
CA LYS D 110 -28.94 11.19 4.73
C LYS D 110 -30.22 11.55 5.48
N GLY D 111 -30.20 11.43 6.81
CA GLY D 111 -31.35 11.76 7.63
C GLY D 111 -31.28 13.17 8.20
N ASP D 112 -32.13 13.47 9.17
CA ASP D 112 -32.11 14.79 9.80
C ASP D 112 -30.83 14.98 10.62
N PRO D 113 -30.13 16.11 10.39
CA PRO D 113 -28.87 16.45 11.08
C PRO D 113 -29.02 16.44 12.60
N VAL D 114 -28.13 15.73 13.29
CA VAL D 114 -28.18 15.63 14.76
C VAL D 114 -26.79 15.86 15.37
N ALA D 115 -26.72 16.70 16.38
CA ALA D 115 -25.47 17.01 17.07
C ALA D 115 -25.10 15.91 18.07
N PRO D 116 -23.80 15.57 18.15
CA PRO D 116 -23.32 14.50 19.03
C PRO D 116 -23.23 14.91 20.48
N THR D 117 -23.73 14.06 21.37
CA THR D 117 -23.40 14.14 22.79
C THR D 117 -22.02 13.45 22.93
N VAL D 118 -21.18 13.89 23.85
CA VAL D 118 -19.81 13.37 23.93
C VAL D 118 -19.42 12.96 25.34
N LEU D 119 -18.84 11.78 25.48
CA LEU D 119 -18.32 11.34 26.78
C LEU D 119 -16.84 11.00 26.72
N ILE D 120 -16.11 11.35 27.78
CA ILE D 120 -14.73 10.89 27.85
C ILE D 120 -14.52 9.97 29.05
N PHE D 121 -13.81 8.87 28.82
CA PHE D 121 -13.59 7.90 29.89
C PHE D 121 -12.10 7.79 30.20
N PRO D 122 -11.71 8.17 31.42
CA PRO D 122 -10.32 8.00 31.84
C PRO D 122 -9.95 6.52 32.01
N PRO D 123 -8.66 6.18 31.84
CA PRO D 123 -8.21 4.80 32.01
C PRO D 123 -8.46 4.31 33.42
N ALA D 124 -9.05 3.11 33.55
CA ALA D 124 -9.23 2.46 34.84
C ALA D 124 -7.88 2.35 35.55
N ALA D 125 -7.92 2.23 36.87
CA ALA D 125 -6.71 2.31 37.69
C ALA D 125 -5.65 1.26 37.36
N ASP D 126 -6.07 0.13 36.80
CA ASP D 126 -5.16 -1.00 36.52
C ASP D 126 -4.46 -0.97 35.15
N GLN D 127 -4.87 -0.06 34.28
CA GLN D 127 -4.21 0.05 32.99
C GLN D 127 -2.74 0.47 33.12
N VAL D 128 -2.47 1.50 33.93
CA VAL D 128 -1.14 2.12 33.97
C VAL D 128 -0.05 1.09 34.26
N ALA D 129 -0.38 0.11 35.10
CA ALA D 129 0.53 -0.96 35.49
C ALA D 129 1.11 -1.69 34.28
N THR D 130 0.29 -1.83 33.24
CA THR D 130 0.60 -2.69 32.11
C THR D 130 1.61 -2.05 31.15
N GLY D 131 1.95 -0.79 31.41
CA GLY D 131 2.94 -0.08 30.62
C GLY D 131 2.31 0.70 29.48
N THR D 132 1.03 0.42 29.21
CA THR D 132 0.24 1.16 28.23
C THR D 132 -1.16 1.53 28.78
N VAL D 133 -1.69 2.69 28.39
CA VAL D 133 -3.07 3.06 28.73
C VAL D 133 -3.87 3.60 27.55
N THR D 134 -5.15 3.28 27.52
CA THR D 134 -6.03 3.69 26.45
C THR D 134 -7.16 4.56 26.99
N ILE D 135 -7.27 5.77 26.45
CA ILE D 135 -8.36 6.66 26.82
C ILE D 135 -9.46 6.50 25.78
N VAL D 136 -10.71 6.44 26.24
CA VAL D 136 -11.83 6.30 25.33
C VAL D 136 -12.65 7.58 25.31
N CYS D 137 -12.97 8.02 24.10
CA CYS D 137 -13.92 9.11 23.94
C CYS D 137 -15.07 8.57 23.09
N VAL D 138 -16.31 8.90 23.44
CA VAL D 138 -17.44 8.46 22.65
C VAL D 138 -18.29 9.61 22.18
N ALA D 139 -18.63 9.64 20.90
CA ALA D 139 -19.58 10.62 20.36
C ALA D 139 -20.89 9.90 20.03
N ASN D 140 -21.97 10.26 20.71
CA ASN D 140 -23.21 9.51 20.51
C ASN D 140 -24.29 10.17 19.66
N LYS D 141 -24.95 9.34 18.85
CA LYS D 141 -26.09 9.73 18.03
C LYS D 141 -25.85 11.00 17.23
N TYR D 142 -25.30 10.87 16.04
CA TYR D 142 -24.98 12.07 15.28
C TYR D 142 -25.06 11.87 13.79
N PHE D 143 -25.36 12.97 13.09
CA PHE D 143 -25.33 13.02 11.65
C PHE D 143 -25.30 14.48 11.26
N PRO D 144 -24.43 14.84 10.30
CA PRO D 144 -23.55 13.95 9.54
C PRO D 144 -22.26 13.65 10.28
N ASP D 145 -21.26 13.15 9.53
CA ASP D 145 -19.96 12.77 10.06
C ASP D 145 -19.33 13.84 10.92
N VAL D 146 -18.47 13.40 11.82
CA VAL D 146 -17.73 14.28 12.71
C VAL D 146 -16.25 13.99 12.58
N THR D 147 -15.46 14.80 13.25
CA THR D 147 -14.02 14.67 13.30
C THR D 147 -13.60 14.73 14.78
N VAL D 148 -12.70 13.84 15.18
CA VAL D 148 -12.24 13.79 16.56
C VAL D 148 -10.79 14.20 16.61
N THR D 149 -10.48 15.11 17.53
CA THR D 149 -9.13 15.56 17.76
C THR D 149 -8.76 15.30 19.22
N TRP D 150 -7.68 14.57 19.45
CA TRP D 150 -7.17 14.40 20.80
C TRP D 150 -6.09 15.42 21.12
N GLU D 151 -6.23 16.09 22.25
CA GLU D 151 -5.18 16.98 22.74
C GLU D 151 -4.71 16.56 24.13
N VAL D 152 -3.39 16.56 24.32
CA VAL D 152 -2.78 16.35 25.63
C VAL D 152 -1.96 17.59 26.01
N ASP D 153 -2.25 18.16 27.18
CA ASP D 153 -1.68 19.45 27.60
C ASP D 153 -1.75 20.49 26.51
N GLY D 154 -2.86 20.50 25.77
CA GLY D 154 -3.02 21.40 24.65
C GLY D 154 -2.47 20.89 23.33
N THR D 155 -1.46 20.01 23.38
CA THR D 155 -0.81 19.51 22.17
C THR D 155 -1.60 18.40 21.47
N THR D 156 -2.16 18.72 20.30
CA THR D 156 -2.99 17.77 19.57
C THR D 156 -2.20 16.52 19.14
N GLN D 157 -2.74 15.34 19.45
CA GLN D 157 -2.03 14.09 19.19
C GLN D 157 -2.15 13.67 17.73
N THR D 158 -1.04 13.19 17.17
CA THR D 158 -0.99 12.80 15.76
C THR D 158 -0.97 11.28 15.58
N THR D 159 -0.52 10.56 16.59
CA THR D 159 -0.54 9.10 16.54
C THR D 159 -1.27 8.46 17.72
N GLY D 160 -1.45 7.14 17.64
CA GLY D 160 -2.06 6.38 18.72
C GLY D 160 -3.57 6.40 18.75
N ILE D 161 -4.18 6.90 17.68
CA ILE D 161 -5.62 7.06 17.66
C ILE D 161 -6.31 6.07 16.74
N GLU D 162 -7.29 5.34 17.28
CA GLU D 162 -8.16 4.47 16.49
C GLU D 162 -9.60 4.96 16.61
N ASN D 163 -10.36 4.79 15.54
CA ASN D 163 -11.76 5.18 15.55
C ASN D 163 -12.63 4.02 15.10
N SER D 164 -13.78 3.86 15.74
CA SER D 164 -14.71 2.83 15.33
C SER D 164 -16.08 3.45 15.26
N LYS D 165 -16.68 3.38 14.07
CA LYS D 165 -17.98 3.97 13.82
C LYS D 165 -18.99 2.86 13.61
N THR D 166 -20.16 2.98 14.26
CA THR D 166 -21.22 1.99 14.05
C THR D 166 -21.86 2.21 12.68
N PRO D 167 -22.64 1.21 12.20
CA PRO D 167 -23.47 1.49 11.03
C PRO D 167 -24.56 2.53 11.37
N GLN D 168 -25.17 3.14 10.35
CA GLN D 168 -26.25 4.08 10.59
C GLN D 168 -27.42 3.40 11.29
N ASN D 169 -28.06 4.09 12.23
CA ASN D 169 -29.20 3.52 12.94
C ASN D 169 -30.36 3.21 11.98
N SER D 170 -31.10 2.12 12.22
CA SER D 170 -32.19 1.70 11.32
C SER D 170 -33.32 2.71 11.24
N ALA D 171 -33.37 3.64 12.20
CA ALA D 171 -34.49 4.58 12.27
C ALA D 171 -34.03 6.03 12.28
N ASP D 172 -32.80 6.27 12.71
CA ASP D 172 -32.26 7.61 12.90
C ASP D 172 -31.30 8.05 11.82
N CYS D 173 -30.66 7.06 11.19
CA CYS D 173 -29.53 7.29 10.29
C CYS D 173 -28.30 7.80 11.05
N THR D 174 -28.43 7.91 12.37
CA THR D 174 -27.34 8.44 13.17
C THR D 174 -26.26 7.41 13.39
N TYR D 175 -25.07 7.92 13.64
CA TYR D 175 -23.89 7.13 13.97
C TYR D 175 -23.63 7.17 15.46
N ASN D 176 -22.81 6.24 15.92
CA ASN D 176 -22.08 6.39 17.16
C ASN D 176 -20.61 6.17 16.87
N LEU D 177 -19.74 6.87 17.60
CA LEU D 177 -18.31 6.77 17.34
C LEU D 177 -17.54 6.53 18.64
N SER D 178 -16.64 5.56 18.61
CA SER D 178 -15.74 5.33 19.75
C SER D 178 -14.31 5.60 19.33
N SER D 179 -13.69 6.58 20.00
CA SER D 179 -12.34 6.98 19.66
C SER D 179 -11.39 6.67 20.81
N THR D 180 -10.33 5.93 20.51
CA THR D 180 -9.37 5.58 21.53
C THR D 180 -8.04 6.28 21.30
N LEU D 181 -7.47 6.82 22.37
CA LEU D 181 -6.12 7.30 22.34
C LEU D 181 -5.27 6.39 23.21
N THR D 182 -4.22 5.82 22.64
CA THR D 182 -3.30 4.96 23.40
C THR D 182 -1.94 5.64 23.57
N LEU D 183 -1.27 5.38 24.68
CA LEU D 183 0.11 5.82 24.90
C LEU D 183 0.75 5.09 26.07
N THR D 184 2.09 5.00 26.10
CA THR D 184 2.80 4.34 27.21
C THR D 184 2.49 5.01 28.54
N SER D 185 2.82 4.31 29.62
CA SER D 185 2.54 4.83 30.95
C SER D 185 3.47 5.98 31.31
N THR D 186 4.74 5.86 30.92
CA THR D 186 5.70 6.88 31.27
C THR D 186 5.48 8.12 30.40
N GLN D 187 4.67 7.95 29.35
CA GLN D 187 4.27 9.06 28.51
C GLN D 187 2.96 9.64 29.04
N TYR D 188 2.16 8.78 29.68
CA TYR D 188 0.88 9.16 30.25
C TYR D 188 1.01 10.02 31.50
N ASN D 189 1.87 9.58 32.42
CA ASN D 189 2.01 10.28 33.68
C ASN D 189 2.95 11.47 33.56
N SER D 190 3.34 11.80 32.32
CA SER D 190 4.15 12.98 32.05
C SER D 190 3.27 14.18 31.70
N HIS D 191 1.95 13.97 31.64
CA HIS D 191 1.02 15.05 31.29
C HIS D 191 -0.23 15.12 32.20
N LYS D 192 -1.03 16.18 32.02
CA LYS D 192 -2.08 16.54 32.97
C LYS D 192 -3.53 16.52 32.44
N GLU D 193 -3.86 17.41 31.52
CA GLU D 193 -5.20 17.48 30.95
C GLU D 193 -5.31 16.65 29.68
N TYR D 194 -6.31 15.79 29.64
CA TYR D 194 -6.57 14.97 28.46
C TYR D 194 -7.90 15.40 27.88
N THR D 195 -7.88 15.88 26.65
CA THR D 195 -9.07 16.50 26.08
C THR D 195 -9.53 15.80 24.80
N CYS D 196 -10.85 15.65 24.68
CA CYS D 196 -11.42 15.06 23.48
C CYS D 196 -12.28 16.09 22.78
N LYS D 197 -11.92 16.43 21.53
CA LYS D 197 -12.64 17.44 20.76
C LYS D 197 -13.44 16.83 19.62
N VAL D 198 -14.76 16.93 19.69
CA VAL D 198 -15.59 16.41 18.62
C VAL D 198 -16.21 17.54 17.80
N THR D 199 -15.90 17.54 16.51
CA THR D 199 -16.26 18.64 15.62
C THR D 199 -17.26 18.25 14.55
N GLN D 200 -18.37 18.97 14.49
CA GLN D 200 -19.38 18.77 13.44
C GLN D 200 -19.65 20.06 12.69
N GLY D 201 -19.12 20.17 11.48
CA GLY D 201 -19.18 21.40 10.72
C GLY D 201 -18.31 22.45 11.38
N THR D 202 -18.92 23.46 11.98
CA THR D 202 -18.19 24.49 12.70
C THR D 202 -18.13 24.19 14.19
N THR D 203 -19.30 23.90 14.76
CA THR D 203 -19.44 23.73 16.20
C THR D 203 -18.74 22.48 16.73
N SER D 204 -17.93 22.68 17.77
CA SER D 204 -17.20 21.59 18.41
C SER D 204 -17.68 21.37 19.84
N VAL D 205 -17.70 20.11 20.28
CA VAL D 205 -18.05 19.75 21.65
C VAL D 205 -16.82 19.14 22.29
N VAL D 206 -16.50 19.56 23.51
CA VAL D 206 -15.28 19.07 24.18
C VAL D 206 -15.51 18.47 25.55
N GLN D 207 -14.77 17.41 25.86
CA GLN D 207 -14.77 16.83 27.20
C GLN D 207 -13.33 16.56 27.62
N SER D 208 -13.02 16.82 28.89
CA SER D 208 -11.66 16.60 29.40
C SER D 208 -11.64 16.16 30.85
N PHE D 209 -10.45 15.79 31.32
CA PHE D 209 -10.22 15.49 32.72
C PHE D 209 -8.76 15.77 33.03
N ASN D 210 -8.43 15.90 34.32
CA ASN D 210 -7.03 16.00 34.71
C ASN D 210 -6.58 14.74 35.45
N ARG D 211 -5.56 14.08 34.92
CA ARG D 211 -5.01 12.88 35.57
C ARG D 211 -4.61 13.12 37.02
N GLY E 1 -31.49 -25.36 -22.03
CA GLY E 1 -30.72 -24.92 -20.87
C GLY E 1 -31.30 -23.64 -20.30
CG 5CT E 2 -29.59 -21.94 -16.76
CD 5CT E 2 -28.34 -21.43 -16.00
CE 5CT E 2 -28.10 -22.18 -14.70
NZ 5CT E 2 -26.76 -21.83 -14.14
C1 5CT E 2 -26.80 -22.09 -12.68
C2 5CT E 2 -25.42 -22.16 -12.01
C3 5CT E 2 -25.43 -21.28 -10.79
C4 5CT E 2 -24.53 -21.79 -9.68
N1 5CT E 2 -24.35 -20.67 -8.76
O1 5CT E 2 -24.36 -21.83 -12.90
CB 5CT E 2 -29.82 -21.11 -18.02
CA 5CT E 2 -30.96 -21.65 -18.88
C 5CT E 2 -31.32 -20.62 -19.93
O 5CT E 2 -30.55 -20.35 -20.85
N 5CT E 2 -30.50 -22.90 -19.53
N GLY E 3 -32.49 -20.03 -19.79
CA GLY E 3 -32.99 -19.10 -20.78
C GLY E 3 -33.87 -19.75 -21.84
N ALA E 4 -33.92 -21.09 -21.87
CA ALA E 4 -34.73 -21.82 -22.87
C ALA E 4 -36.24 -21.66 -22.64
C1 EDO F . 10.07 24.58 -23.52
O1 EDO F . 11.19 23.79 -23.99
C2 EDO F . 10.48 25.99 -23.18
O2 EDO F . 10.71 26.06 -21.77
C1 EDO G . 29.31 7.40 -17.57
O1 EDO G . 28.46 8.27 -18.34
C2 EDO G . 29.22 7.76 -16.07
O2 EDO G . 29.87 9.03 -15.84
C1 EDO H . 11.86 14.00 -10.48
O1 EDO H . 12.78 13.17 -11.18
C2 EDO H . 11.65 15.33 -11.18
O2 EDO H . 11.19 15.11 -12.51
S SO4 I . 38.62 6.44 -20.76
O1 SO4 I . 38.58 5.90 -19.40
O2 SO4 I . 38.63 7.90 -20.74
O3 SO4 I . 37.44 5.97 -21.52
O4 SO4 I . 39.82 5.97 -21.42
S SO4 J . -11.81 -7.25 -18.96
O1 SO4 J . -11.66 -7.45 -17.50
O2 SO4 J . -12.05 -5.85 -19.27
O3 SO4 J . -12.91 -8.07 -19.44
O4 SO4 J . -10.60 -7.66 -19.66
S SO4 K . -6.26 -4.28 5.45
O2 SO4 K . -6.97 -3.31 6.26
O3 SO4 K . -6.30 -5.61 6.02
O4 SO4 K . -4.86 -3.80 5.60
S SO4 L . 30.18 40.42 -3.46
O1 SO4 L . 29.30 39.34 -3.02
O2 SO4 L . 30.22 41.49 -2.45
O3 SO4 L . 29.65 40.94 -4.71
O4 SO4 L . 31.53 39.89 -3.59
S SO4 M . 23.13 -5.92 -13.68
O1 SO4 M . 22.26 -5.55 -12.56
O2 SO4 M . 23.43 -4.71 -14.42
O3 SO4 M . 22.44 -6.92 -14.50
O4 SO4 M . 24.40 -6.45 -13.17
S SO4 N . -0.90 -11.05 10.92
O1 SO4 N . -0.31 -9.76 11.18
O2 SO4 N . -2.13 -11.16 11.73
O3 SO4 N . -1.19 -11.20 9.49
O4 SO4 N . 0.07 -12.05 11.35
C1 EDO O . -12.56 0.06 20.36
O1 EDO O . -13.06 1.25 21.02
C2 EDO O . -13.44 -0.30 19.16
O2 EDO O . -14.74 -0.80 19.54
C1 EDO P . -8.90 -11.56 12.94
O1 EDO P . -9.30 -12.78 13.59
C2 EDO P . -9.39 -11.56 11.49
O2 EDO P . -10.78 -11.27 11.44
S SO4 Q . -1.09 -1.16 20.72
O1 SO4 Q . -1.11 0.30 20.70
O2 SO4 Q . -2.43 -1.61 21.12
O3 SO4 Q . -0.09 -1.66 21.65
O4 SO4 Q . -0.78 -1.66 19.38
S SO4 R . -32.97 -33.42 8.11
O1 SO4 R . -31.61 -33.87 8.44
O2 SO4 R . -33.34 -32.31 8.98
O3 SO4 R . -33.88 -34.56 8.32
O4 SO4 R . -33.06 -32.99 6.72
S SO4 S . -20.88 -16.36 34.62
O1 SO4 S . -21.92 -16.28 35.63
O2 SO4 S . -20.78 -15.07 33.91
O3 SO4 S . -21.21 -17.40 33.65
O4 SO4 S . -19.60 -16.68 35.23
S SO4 T . -14.43 -24.41 -16.12
O1 SO4 T . -14.49 -23.08 -15.48
O2 SO4 T . -13.96 -25.37 -15.14
O3 SO4 T . -15.77 -24.79 -16.56
O4 SO4 T . -13.51 -24.35 -17.25
S SO4 U . -25.61 -24.48 -16.40
O1 SO4 U . -25.12 -23.35 -15.59
O2 SO4 U . -27.02 -24.26 -16.70
O3 SO4 U . -24.88 -24.58 -17.66
O4 SO4 U . -25.47 -25.72 -15.63
#